data_4HAB
#
_entry.id   4HAB
#
_cell.length_a   95.043
_cell.length_b   95.043
_cell.length_c   240.580
_cell.angle_alpha   90.00
_cell.angle_beta   90.00
_cell.angle_gamma   90.00
#
_symmetry.space_group_name_H-M   'P 43 21 2'
#
loop_
_entity.id
_entity.type
_entity.pdbx_description
1 polymer 'Serine/threonine-protein kinase PLK1'
2 polymer PL-49
3 non-polymer '3-CYCLOHEXYL-1-PROPYLSULFONIC ACID'
4 non-polymer 'PHOSPHATE ION'
5 water water
#
loop_
_entity_poly.entity_id
_entity_poly.type
_entity_poly.pdbx_seq_one_letter_code
_entity_poly.pdbx_strand_id
1 'polypeptide(L)'
;DCHLSDMLQQLHSVNASKPSERGLVRQEEAEDPACIPIFWVSKWVDYSDKYGLGYQLCDNSVGVLFNDSTRLILYNDGDS
LQYIERDGTESYLTVSSHPNSLMKKITLLKYFRNYMSEHLLKAGANITPREGDELARLPYLRTWFRTRSAIILHLSNGSV
QINFFQDHTKLILCPLMAAVTYIDEKRDFRTYRLSLLEEYGCCKELASRLRYARTMVDKLLSS
;
A,B,C
2 'polypeptide(L)' (11Q)LHS(TPO)M(NH2) D,E,F
#
loop_
_chem_comp.id
_chem_comp.type
_chem_comp.name
_chem_comp.formula
CXS non-polymer '3-CYCLOHEXYL-1-PROPYLSULFONIC ACID' 'C9 H19 N O3 S'
NH2 non-polymer 'AMINO GROUP' 'H2 N'
PO4 non-polymer 'PHOSPHATE ION' 'O4 P -3'
#
# COMPACT_ATOMS: atom_id res chain seq x y z
N ASP A 1 0.30 -2.22 -7.84
CA ASP A 1 -0.10 -2.01 -9.27
C ASP A 1 -1.62 -1.99 -9.44
N CYS A 2 -2.32 -2.85 -8.71
CA CYS A 2 -3.79 -2.86 -8.76
C CYS A 2 -4.21 -1.66 -7.92
N HIS A 3 -3.37 -1.36 -6.93
CA HIS A 3 -3.61 -0.25 -6.02
C HIS A 3 -3.21 1.10 -6.62
N LEU A 4 -2.20 1.12 -7.48
CA LEU A 4 -1.80 2.36 -8.12
C LEU A 4 -2.91 2.88 -9.03
N SER A 5 -3.67 1.95 -9.60
CA SER A 5 -4.78 2.31 -10.47
C SER A 5 -5.89 2.87 -9.61
N ASP A 6 -6.07 2.31 -8.41
CA ASP A 6 -7.13 2.82 -7.54
C ASP A 6 -6.76 4.28 -7.22
N MET A 7 -5.54 4.49 -6.79
CA MET A 7 -5.10 5.81 -6.48
C MET A 7 -5.38 6.69 -7.68
N LEU A 8 -4.74 6.35 -8.80
CA LEU A 8 -4.87 7.09 -10.05
C LEU A 8 -6.30 7.52 -10.30
N GLN A 9 -7.22 6.57 -10.18
CA GLN A 9 -8.65 6.85 -10.35
C GLN A 9 -9.09 7.89 -9.31
N GLN A 10 -8.70 7.67 -8.05
CA GLN A 10 -9.04 8.57 -6.97
C GLN A 10 -8.52 9.98 -7.24
N LEU A 11 -7.27 10.08 -7.68
CA LEU A 11 -6.68 11.40 -7.98
C LEU A 11 -7.33 12.02 -9.22
N HIS A 12 -7.59 11.21 -10.24
CA HIS A 12 -8.24 11.70 -11.44
C HIS A 12 -9.54 12.32 -11.00
N SER A 13 -10.26 11.59 -10.16
CA SER A 13 -11.53 12.07 -9.67
C SER A 13 -11.48 13.40 -8.92
N VAL A 14 -10.56 13.54 -7.95
CA VAL A 14 -10.50 14.79 -7.19
C VAL A 14 -9.90 15.96 -7.99
N ASN A 15 -8.90 15.67 -8.81
CA ASN A 15 -8.30 16.72 -9.63
C ASN A 15 -9.32 17.21 -10.69
N ALA A 16 -10.00 16.27 -11.32
CA ALA A 16 -10.99 16.59 -12.34
C ALA A 16 -12.05 17.55 -11.85
N SER A 17 -12.34 17.53 -10.56
CA SER A 17 -13.36 18.41 -10.00
C SER A 17 -12.88 19.83 -9.66
N LYS A 18 -11.60 20.09 -9.89
CA LYS A 18 -10.99 21.40 -9.60
C LYS A 18 -11.40 21.91 -8.20
N PRO A 19 -10.95 21.20 -7.16
CA PRO A 19 -11.23 21.48 -5.75
C PRO A 19 -10.99 22.92 -5.28
N SER A 20 -10.00 23.59 -5.84
CA SER A 20 -9.70 24.96 -5.42
C SER A 20 -10.54 26.03 -6.11
N GLU A 21 -11.49 25.60 -6.94
CA GLU A 21 -12.36 26.52 -7.68
C GLU A 21 -13.77 26.68 -7.10
N ARG A 22 -14.03 26.10 -5.94
CA ARG A 22 -15.34 26.22 -5.32
C ARG A 22 -15.62 27.68 -4.97
N GLY A 23 -16.90 28.03 -4.97
CA GLY A 23 -17.27 29.40 -4.64
C GLY A 23 -16.71 29.68 -3.26
N LEU A 24 -16.83 28.69 -2.38
CA LEU A 24 -16.34 28.78 -1.02
C LEU A 24 -15.63 27.47 -0.70
N VAL A 25 -14.44 27.56 -0.14
CA VAL A 25 -13.71 26.38 0.24
C VAL A 25 -13.92 26.15 1.71
N ARG A 26 -14.25 24.90 2.07
CA ARG A 26 -14.51 24.50 3.44
C ARG A 26 -13.65 23.28 3.72
N GLN A 27 -12.34 23.44 3.55
CA GLN A 27 -11.41 22.34 3.73
C GLN A 27 -11.59 21.52 5.01
N GLU A 28 -11.79 22.19 6.15
CA GLU A 28 -11.95 21.46 7.40
C GLU A 28 -13.07 20.44 7.33
N GLU A 29 -13.97 20.63 6.38
CA GLU A 29 -15.08 19.70 6.22
C GLU A 29 -14.67 18.38 5.58
N ALA A 30 -13.52 18.37 4.90
CA ALA A 30 -13.02 17.16 4.26
C ALA A 30 -12.23 16.27 5.20
N GLU A 31 -11.90 16.80 6.38
CA GLU A 31 -11.13 16.03 7.37
C GLU A 31 -11.84 14.77 7.82
N ASP A 32 -11.07 13.75 8.14
CA ASP A 32 -11.61 12.47 8.59
C ASP A 32 -10.51 11.75 9.36
N PRO A 33 -10.44 11.98 10.68
CA PRO A 33 -9.44 11.35 11.55
C PRO A 33 -9.45 9.83 11.59
N ALA A 34 -10.57 9.23 11.17
CA ALA A 34 -10.67 7.77 11.15
C ALA A 34 -9.84 7.19 10.01
N CYS A 35 -9.20 8.07 9.24
CA CYS A 35 -8.39 7.68 8.09
C CYS A 35 -6.89 7.85 8.28
N ILE A 36 -6.50 8.39 9.42
CA ILE A 36 -5.09 8.60 9.69
C ILE A 36 -4.30 7.34 9.37
N PRO A 37 -3.20 7.49 8.61
CA PRO A 37 -2.35 6.35 8.22
C PRO A 37 -1.85 5.53 9.40
N ILE A 38 -1.47 4.28 9.13
CA ILE A 38 -0.88 3.43 10.16
C ILE A 38 0.62 3.64 10.03
N PHE A 39 1.16 3.42 8.83
CA PHE A 39 2.59 3.63 8.61
C PHE A 39 2.91 4.63 7.52
N TRP A 40 4.06 5.29 7.66
CA TRP A 40 4.57 6.21 6.67
C TRP A 40 6.05 6.25 6.96
N VAL A 41 6.80 6.85 6.04
CA VAL A 41 8.24 6.94 6.15
C VAL A 41 8.63 8.16 6.94
N SER A 42 9.21 7.93 8.12
CA SER A 42 9.59 9.05 8.96
C SER A 42 10.95 9.63 8.62
N LYS A 43 11.82 8.84 8.01
CA LYS A 43 13.14 9.34 7.63
C LYS A 43 13.84 8.38 6.68
N TRP A 44 14.68 8.92 5.79
CA TRP A 44 15.39 8.11 4.82
C TRP A 44 16.78 8.61 4.48
N VAL A 45 17.57 7.71 3.88
CA VAL A 45 18.94 7.99 3.46
C VAL A 45 19.20 7.29 2.13
N ASP A 46 20.03 7.91 1.29
CA ASP A 46 20.30 7.33 -0.02
C ASP A 46 21.72 6.89 -0.33
N TYR A 47 21.88 5.58 -0.52
CA TYR A 47 23.16 4.98 -0.89
C TYR A 47 22.91 4.17 -2.15
N SER A 48 21.93 4.57 -2.95
CA SER A 48 21.63 3.86 -4.18
C SER A 48 22.89 3.90 -5.05
N ASP A 49 23.90 4.53 -4.50
CA ASP A 49 25.18 4.64 -5.19
C ASP A 49 25.96 3.34 -5.04
N LYS A 50 26.17 2.90 -3.81
CA LYS A 50 26.93 1.67 -3.54
C LYS A 50 26.15 0.55 -2.86
N TYR A 51 24.90 0.80 -2.45
CA TYR A 51 24.11 -0.22 -1.76
C TYR A 51 22.60 -0.08 -2.00
N GLY A 52 22.02 1.00 -1.47
CA GLY A 52 20.60 1.22 -1.64
C GLY A 52 20.03 2.30 -0.76
N LEU A 53 18.69 2.33 -0.73
CA LEU A 53 17.94 3.32 0.03
C LEU A 53 17.56 2.75 1.42
N GLY A 54 18.00 3.43 2.47
CA GLY A 54 17.68 3.03 3.82
C GLY A 54 16.60 3.96 4.37
N TYR A 55 15.60 3.43 5.07
CA TYR A 55 14.51 4.26 5.59
C TYR A 55 13.94 3.73 6.92
N GLN A 56 13.33 4.63 7.68
CA GLN A 56 12.72 4.25 8.93
C GLN A 56 11.22 4.50 8.81
N LEU A 57 10.40 3.58 9.30
CA LEU A 57 8.96 3.79 9.27
C LEU A 57 8.55 4.47 10.57
N CYS A 58 7.32 5.00 10.62
CA CYS A 58 6.86 5.71 11.80
C CYS A 58 6.94 4.93 13.10
N ASP A 59 6.75 3.62 13.05
CA ASP A 59 6.81 2.80 14.25
C ASP A 59 8.23 2.42 14.67
N ASN A 60 9.21 3.20 14.19
CA ASN A 60 10.64 3.00 14.48
C ASN A 60 11.36 1.82 13.84
N SER A 61 10.67 1.03 13.01
CA SER A 61 11.34 -0.08 12.35
C SER A 61 12.22 0.52 11.25
N VAL A 62 13.20 -0.22 10.79
CA VAL A 62 14.08 0.28 9.73
C VAL A 62 14.10 -0.69 8.56
N GLY A 63 14.11 -0.17 7.35
CA GLY A 63 14.11 -1.03 6.19
C GLY A 63 15.09 -0.56 5.13
N VAL A 64 15.49 -1.47 4.27
CA VAL A 64 16.41 -1.13 3.18
C VAL A 64 16.01 -1.76 1.89
N LEU A 65 16.10 -0.97 0.82
CA LEU A 65 15.79 -1.49 -0.50
C LEU A 65 17.12 -1.44 -1.25
N PHE A 66 17.74 -2.61 -1.46
CA PHE A 66 19.03 -2.68 -2.13
C PHE A 66 18.87 -2.62 -3.65
N ASN A 67 19.88 -2.07 -4.32
CA ASN A 67 19.86 -1.92 -5.77
C ASN A 67 19.60 -3.24 -6.47
N ASP A 68 19.91 -4.35 -5.79
CA ASP A 68 19.70 -5.68 -6.36
C ASP A 68 18.28 -6.22 -6.15
N SER A 69 17.34 -5.30 -5.89
CA SER A 69 15.92 -5.60 -5.70
C SER A 69 15.51 -6.40 -4.46
N THR A 70 16.40 -6.49 -3.48
CA THR A 70 16.06 -7.20 -2.26
C THR A 70 15.86 -6.23 -1.09
N ARG A 71 15.00 -6.63 -0.15
CA ARG A 71 14.69 -5.83 1.04
C ARG A 71 14.97 -6.55 2.34
N LEU A 72 15.54 -5.83 3.28
CA LEU A 72 15.84 -6.38 4.59
C LEU A 72 15.19 -5.48 5.63
N ILE A 73 14.27 -6.05 6.41
CA ILE A 73 13.57 -5.28 7.44
C ILE A 73 13.95 -5.62 8.87
N LEU A 74 14.16 -4.60 9.68
CA LEU A 74 14.48 -4.81 11.07
C LEU A 74 13.35 -4.20 11.91
N TYR A 75 12.54 -5.05 12.51
CA TYR A 75 11.43 -4.59 13.35
C TYR A 75 11.93 -3.90 14.60
N ASN A 76 11.06 -3.13 15.25
CA ASN A 76 11.44 -2.37 16.44
C ASN A 76 11.78 -3.11 17.76
N ASP A 77 12.16 -4.38 17.68
CA ASP A 77 12.58 -5.08 18.89
C ASP A 77 14.10 -5.20 18.73
N GLY A 78 14.60 -4.38 17.82
CA GLY A 78 16.02 -4.35 17.53
C GLY A 78 16.61 -5.73 17.27
N ASP A 79 15.79 -6.67 16.83
CA ASP A 79 16.32 -8.00 16.61
C ASP A 79 15.68 -8.86 15.50
N SER A 80 14.37 -8.80 15.35
CA SER A 80 13.68 -9.58 14.33
C SER A 80 13.90 -9.03 12.92
N LEU A 81 14.28 -9.89 11.98
CA LEU A 81 14.54 -9.50 10.60
C LEU A 81 13.69 -10.23 9.59
N GLN A 82 13.49 -9.61 8.44
CA GLN A 82 12.72 -10.22 7.37
C GLN A 82 13.38 -9.89 6.04
N TYR A 83 13.96 -10.89 5.40
CA TYR A 83 14.62 -10.67 4.13
C TYR A 83 13.63 -10.97 3.01
N ILE A 84 13.57 -10.12 2.00
CA ILE A 84 12.65 -10.36 0.90
C ILE A 84 13.43 -10.37 -0.43
N GLU A 85 13.54 -11.54 -1.03
CA GLU A 85 14.26 -11.69 -2.29
C GLU A 85 13.45 -11.12 -3.45
N ARG A 86 14.14 -10.86 -4.55
CA ARG A 86 13.54 -10.29 -5.75
C ARG A 86 12.25 -11.00 -6.17
N ASP A 87 12.26 -12.33 -6.09
CA ASP A 87 11.09 -13.13 -6.46
C ASP A 87 9.97 -13.07 -5.43
N GLY A 88 10.23 -12.36 -4.33
CA GLY A 88 9.22 -12.23 -3.29
C GLY A 88 9.34 -13.25 -2.18
N THR A 89 10.41 -14.03 -2.21
CA THR A 89 10.61 -15.05 -1.17
C THR A 89 10.98 -14.40 0.17
N GLU A 90 10.09 -14.56 1.15
CA GLU A 90 10.29 -14.01 2.48
C GLU A 90 10.93 -15.02 3.43
N SER A 91 11.83 -14.56 4.29
CA SER A 91 12.51 -15.44 5.23
C SER A 91 12.89 -14.69 6.50
N TYR A 92 12.78 -15.37 7.64
CA TYR A 92 13.05 -14.74 8.93
C TYR A 92 14.41 -15.05 9.56
N LEU A 93 15.04 -14.00 10.06
CA LEU A 93 16.36 -14.11 10.68
C LEU A 93 16.35 -13.23 11.92
N THR A 94 17.46 -13.21 12.65
CA THR A 94 17.55 -12.39 13.84
C THR A 94 18.96 -11.85 13.93
N VAL A 95 19.10 -10.60 14.34
CA VAL A 95 20.43 -10.00 14.47
C VAL A 95 21.18 -10.66 15.62
N SER A 96 20.43 -11.22 16.58
CA SER A 96 21.02 -11.90 17.74
C SER A 96 21.70 -13.18 17.26
N SER A 97 21.02 -13.86 16.35
CA SER A 97 21.51 -15.08 15.73
C SER A 97 21.88 -14.67 14.32
N HIS A 98 22.72 -13.62 14.22
CA HIS A 98 23.15 -13.07 12.94
C HIS A 98 23.70 -14.11 11.95
N PRO A 99 22.96 -14.33 10.85
CA PRO A 99 23.32 -15.29 9.80
C PRO A 99 24.69 -15.00 9.18
N ASN A 100 25.05 -15.82 8.21
CA ASN A 100 26.32 -15.66 7.53
C ASN A 100 26.04 -15.25 6.10
N SER A 101 24.85 -15.61 5.62
CA SER A 101 24.44 -15.29 4.26
C SER A 101 24.11 -13.82 4.04
N LEU A 102 23.86 -13.09 5.13
CA LEU A 102 23.51 -11.68 5.04
C LEU A 102 24.27 -10.79 6.00
N MET A 103 25.45 -11.22 6.44
CA MET A 103 26.20 -10.40 7.39
C MET A 103 26.45 -8.99 6.83
N LYS A 104 26.82 -8.93 5.56
CA LYS A 104 27.09 -7.65 4.90
C LYS A 104 25.86 -6.76 4.90
N LYS A 105 24.73 -7.31 4.49
CA LYS A 105 23.49 -6.55 4.43
C LYS A 105 22.95 -6.13 5.78
N ILE A 106 23.26 -6.91 6.82
CA ILE A 106 22.79 -6.56 8.15
C ILE A 106 23.69 -5.47 8.71
N THR A 107 24.96 -5.47 8.32
CA THR A 107 25.89 -4.47 8.82
C THR A 107 25.61 -3.14 8.15
N LEU A 108 25.15 -3.22 6.90
CA LEU A 108 24.82 -2.03 6.15
C LEU A 108 23.59 -1.41 6.77
N LEU A 109 22.58 -2.24 6.95
CA LEU A 109 21.33 -1.82 7.55
C LEU A 109 21.59 -1.22 8.91
N LYS A 110 22.58 -1.74 9.62
CA LYS A 110 22.89 -1.20 10.92
C LYS A 110 23.58 0.17 10.80
N TYR A 111 24.29 0.38 9.70
CA TYR A 111 24.96 1.66 9.48
C TYR A 111 23.92 2.75 9.19
N PHE A 112 22.95 2.45 8.34
CA PHE A 112 21.87 3.41 8.02
C PHE A 112 21.13 3.80 9.30
N ARG A 113 20.72 2.79 10.06
CA ARG A 113 19.98 3.01 11.29
C ARG A 113 20.70 3.95 12.23
N ASN A 114 22.02 3.82 12.28
CA ASN A 114 22.81 4.67 13.16
C ASN A 114 22.88 6.08 12.61
N TYR A 115 22.94 6.19 11.28
CA TYR A 115 23.02 7.49 10.62
C TYR A 115 21.71 8.26 10.69
N MET A 116 20.60 7.55 10.48
CA MET A 116 19.29 8.19 10.53
C MET A 116 18.98 8.56 11.96
N SER A 117 19.57 7.81 12.88
CA SER A 117 19.37 8.02 14.31
C SER A 117 20.20 9.15 14.89
N GLU A 118 21.23 9.56 14.18
CA GLU A 118 22.10 10.63 14.67
C GLU A 118 21.93 12.00 14.01
N HIS A 119 21.49 12.01 12.77
CA HIS A 119 21.34 13.27 12.05
C HIS A 119 19.92 13.61 11.58
N LEU A 120 19.08 12.61 11.43
CA LEU A 120 17.75 12.86 10.89
C LEU A 120 16.56 13.07 11.82
N LEU A 121 15.72 14.00 11.41
CA LEU A 121 14.50 14.35 12.13
C LEU A 121 13.45 13.29 11.80
N LYS A 122 12.44 13.15 12.67
CA LYS A 122 11.41 12.14 12.45
C LYS A 122 10.10 12.75 11.95
N ALA A 123 9.87 12.67 10.64
CA ALA A 123 8.67 13.24 10.05
C ALA A 123 7.41 12.65 10.68
N GLY A 124 6.44 13.52 10.98
CA GLY A 124 5.19 13.08 11.59
C GLY A 124 5.31 12.69 13.05
N ALA A 125 6.36 13.20 13.71
CA ALA A 125 6.60 12.91 15.11
C ALA A 125 5.34 13.14 15.96
N ASN A 126 4.56 14.13 15.54
CA ASN A 126 3.34 14.47 16.27
C ASN A 126 2.09 13.76 15.77
N ILE A 127 2.24 12.73 14.95
CA ILE A 127 1.06 12.02 14.46
C ILE A 127 0.94 10.73 15.22
N THR A 128 -0.29 10.26 15.39
CA THR A 128 -0.56 9.03 16.11
C THR A 128 -1.22 8.06 15.14
N PRO A 129 -0.52 6.98 14.79
CA PRO A 129 -1.10 6.00 13.87
C PRO A 129 -2.47 5.60 14.41
N ARG A 130 -3.39 5.23 13.52
CA ARG A 130 -4.72 4.86 13.98
C ARG A 130 -4.76 3.41 14.43
N GLU A 131 -5.86 3.02 15.07
CA GLU A 131 -6.03 1.67 15.55
C GLU A 131 -6.48 0.75 14.42
N GLY A 132 -6.02 1.08 13.22
CA GLY A 132 -6.36 0.33 12.02
C GLY A 132 -6.47 -1.20 12.08
N ASP A 133 -6.73 -1.81 10.93
CA ASP A 133 -6.86 -3.25 10.83
C ASP A 133 -5.63 -3.92 11.44
N GLU A 134 -5.87 -4.93 12.26
CA GLU A 134 -4.79 -5.63 12.92
C GLU A 134 -4.20 -6.75 12.09
N LEU A 135 -4.97 -7.28 11.14
CA LEU A 135 -4.47 -8.36 10.30
C LEU A 135 -3.57 -7.80 9.22
N ALA A 136 -3.43 -6.48 9.22
CA ALA A 136 -2.59 -5.81 8.26
C ALA A 136 -1.14 -6.03 8.68
N ARG A 137 -0.23 -6.15 7.72
CA ARG A 137 1.16 -6.35 8.09
C ARG A 137 2.07 -5.20 7.70
N LEU A 138 3.20 -5.06 8.40
CA LEU A 138 4.15 -3.99 8.15
C LEU A 138 4.60 -4.03 6.70
N PRO A 139 4.48 -2.89 5.99
CA PRO A 139 4.86 -2.76 4.58
C PRO A 139 6.34 -2.53 4.38
N TYR A 140 6.83 -2.91 3.21
CA TYR A 140 8.23 -2.68 2.89
C TYR A 140 8.23 -1.73 1.69
N LEU A 141 9.38 -1.14 1.43
CA LEU A 141 9.48 -0.22 0.30
C LEU A 141 9.44 -1.01 -1.03
N ARG A 142 8.42 -0.77 -1.83
CA ARG A 142 8.25 -1.45 -3.10
C ARG A 142 9.23 -0.83 -4.10
N THR A 143 9.11 0.48 -4.32
CA THR A 143 10.01 1.21 -5.20
C THR A 143 9.98 2.69 -4.91
N TRP A 144 11.03 3.40 -5.29
CA TRP A 144 11.12 4.83 -5.07
C TRP A 144 11.87 5.51 -6.21
N PHE A 145 11.59 6.79 -6.42
CA PHE A 145 12.30 7.56 -7.43
C PHE A 145 12.27 9.03 -7.02
N ARG A 146 13.25 9.80 -7.47
CA ARG A 146 13.30 11.21 -7.11
C ARG A 146 13.15 12.09 -8.32
N THR A 147 12.75 13.34 -8.10
CA THR A 147 12.64 14.32 -9.16
C THR A 147 13.51 15.44 -8.65
N ARG A 148 13.42 16.63 -9.24
CA ARG A 148 14.24 17.72 -8.77
C ARG A 148 13.55 18.35 -7.57
N SER A 149 12.25 18.15 -7.45
CA SER A 149 11.52 18.78 -6.34
C SER A 149 11.09 17.86 -5.20
N ALA A 150 10.88 16.58 -5.48
CA ALA A 150 10.42 15.68 -4.41
C ALA A 150 10.93 14.26 -4.55
N ILE A 151 10.70 13.45 -3.50
CA ILE A 151 11.07 12.04 -3.51
C ILE A 151 9.76 11.29 -3.43
N ILE A 152 9.64 10.21 -4.20
CA ILE A 152 8.41 9.44 -4.22
C ILE A 152 8.64 8.03 -3.71
N LEU A 153 7.94 7.69 -2.63
CA LEU A 153 8.05 6.39 -1.97
C LEU A 153 6.80 5.55 -2.16
N HIS A 154 6.97 4.32 -2.65
CA HIS A 154 5.84 3.42 -2.86
C HIS A 154 5.99 2.29 -1.86
N LEU A 155 4.96 2.09 -1.06
CA LEU A 155 4.97 1.07 -0.04
C LEU A 155 4.13 -0.12 -0.46
N SER A 156 4.60 -1.31 -0.11
CA SER A 156 3.89 -2.54 -0.44
C SER A 156 2.40 -2.58 -0.03
N ASN A 157 1.99 -1.73 0.91
CA ASN A 157 0.60 -1.72 1.34
C ASN A 157 -0.31 -0.90 0.44
N GLY A 158 0.27 -0.26 -0.59
CA GLY A 158 -0.54 0.55 -1.49
C GLY A 158 -0.31 2.03 -1.32
N SER A 159 0.18 2.43 -0.15
CA SER A 159 0.44 3.85 0.09
C SER A 159 1.61 4.37 -0.71
N VAL A 160 1.50 5.64 -1.08
CA VAL A 160 2.52 6.36 -1.84
C VAL A 160 2.72 7.64 -1.05
N GLN A 161 3.96 7.99 -0.80
CA GLN A 161 4.29 9.19 -0.05
C GLN A 161 5.22 10.11 -0.88
N ILE A 162 4.95 11.40 -0.88
CA ILE A 162 5.78 12.33 -1.62
C ILE A 162 6.31 13.40 -0.67
N ASN A 163 7.63 13.47 -0.51
CA ASN A 163 8.25 14.45 0.38
C ASN A 163 8.84 15.57 -0.48
N PHE A 164 8.40 16.81 -0.31
CA PHE A 164 8.93 17.89 -1.11
C PHE A 164 10.11 18.51 -0.37
N PHE A 165 11.27 18.49 -1.02
CA PHE A 165 12.54 18.98 -0.51
C PHE A 165 12.62 20.41 -0.02
N GLN A 166 12.15 21.35 -0.84
CA GLN A 166 12.21 22.76 -0.52
C GLN A 166 11.37 23.24 0.67
N ASP A 167 10.06 23.12 0.57
CA ASP A 167 9.19 23.58 1.65
C ASP A 167 8.99 22.57 2.76
N HIS A 168 9.34 21.31 2.50
CA HIS A 168 9.21 20.22 3.46
C HIS A 168 7.79 19.72 3.63
N THR A 169 6.94 19.99 2.65
CA THR A 169 5.56 19.54 2.72
C THR A 169 5.56 18.09 2.23
N LYS A 170 4.65 17.28 2.75
CA LYS A 170 4.58 15.87 2.40
C LYS A 170 3.17 15.46 2.12
N LEU A 171 3.01 14.32 1.46
CA LEU A 171 1.71 13.74 1.15
C LEU A 171 1.82 12.25 1.39
N ILE A 172 0.74 11.69 1.93
CA ILE A 172 0.67 10.27 2.19
C ILE A 172 -0.68 9.85 1.66
N LEU A 173 -0.65 9.21 0.51
CA LEU A 173 -1.88 8.75 -0.15
C LEU A 173 -2.16 7.27 0.11
N CYS A 174 -3.40 6.95 0.48
CA CYS A 174 -3.80 5.58 0.74
C CYS A 174 -5.04 5.23 -0.11
N PRO A 175 -4.87 4.36 -1.11
CA PRO A 175 -5.97 3.96 -1.98
C PRO A 175 -7.04 3.13 -1.28
N LEU A 176 -6.67 2.48 -0.18
CA LEU A 176 -7.63 1.66 0.56
C LEU A 176 -8.61 2.56 1.30
N MET A 177 -8.08 3.60 1.93
CA MET A 177 -8.89 4.57 2.68
C MET A 177 -9.41 5.66 1.76
N ALA A 178 -8.76 5.85 0.61
CA ALA A 178 -9.16 6.91 -0.34
C ALA A 178 -9.04 8.26 0.37
N ALA A 179 -7.90 8.46 1.00
CA ALA A 179 -7.63 9.66 1.76
C ALA A 179 -6.21 10.17 1.53
N VAL A 180 -5.97 11.43 1.88
CA VAL A 180 -4.64 12.01 1.76
C VAL A 180 -4.24 12.73 3.04
N THR A 181 -3.02 12.47 3.48
CA THR A 181 -2.53 13.13 4.67
C THR A 181 -1.56 14.19 4.19
N TYR A 182 -1.86 15.43 4.54
CA TYR A 182 -1.05 16.55 4.13
C TYR A 182 -0.33 17.09 5.35
N ILE A 183 0.98 17.32 5.21
CA ILE A 183 1.76 17.85 6.30
C ILE A 183 2.40 19.13 5.78
N ASP A 184 1.87 20.28 6.22
CA ASP A 184 2.38 21.55 5.73
C ASP A 184 3.74 21.94 6.28
N GLU A 185 4.26 23.07 5.80
CA GLU A 185 5.55 23.59 6.21
C GLU A 185 5.69 23.83 7.70
N LYS A 186 4.58 23.91 8.42
CA LYS A 186 4.64 24.12 9.87
C LYS A 186 4.53 22.80 10.63
N ARG A 187 4.68 21.70 9.90
CA ARG A 187 4.62 20.37 10.48
C ARG A 187 3.25 19.99 11.01
N ASP A 188 2.24 20.79 10.69
CA ASP A 188 0.91 20.43 11.14
C ASP A 188 0.36 19.51 10.07
N PHE A 189 -0.34 18.47 10.47
CA PHE A 189 -0.89 17.50 9.54
C PHE A 189 -2.40 17.40 9.61
N ARG A 190 -3.00 16.90 8.54
CA ARG A 190 -4.43 16.74 8.42
C ARG A 190 -4.69 15.65 7.40
N THR A 191 -5.74 14.88 7.63
CA THR A 191 -6.12 13.79 6.77
C THR A 191 -7.47 14.06 6.16
N TYR A 192 -7.58 13.93 4.85
CA TYR A 192 -8.86 14.19 4.23
C TYR A 192 -9.28 13.03 3.39
N ARG A 193 -10.57 12.91 3.16
CA ARG A 193 -11.05 11.86 2.31
C ARG A 193 -11.16 12.60 0.98
N LEU A 194 -10.53 12.04 -0.04
CA LEU A 194 -10.51 12.64 -1.36
C LEU A 194 -11.90 12.98 -1.91
N SER A 195 -12.87 12.09 -1.73
CA SER A 195 -14.22 12.37 -2.22
C SER A 195 -14.77 13.62 -1.54
N LEU A 196 -14.41 13.81 -0.27
CA LEU A 196 -14.89 15.01 0.43
C LEU A 196 -14.21 16.28 -0.10
N LEU A 197 -12.94 16.19 -0.47
CA LEU A 197 -12.23 17.35 -1.00
C LEU A 197 -12.94 17.72 -2.29
N GLU A 198 -13.48 16.70 -2.93
CA GLU A 198 -14.20 16.82 -4.18
C GLU A 198 -15.44 17.66 -3.97
N GLU A 199 -16.02 17.52 -2.77
CA GLU A 199 -17.24 18.23 -2.39
C GLU A 199 -17.01 19.62 -1.79
N TYR A 200 -16.12 19.70 -0.81
CA TYR A 200 -15.82 20.96 -0.12
C TYR A 200 -14.66 21.74 -0.70
N GLY A 201 -13.78 21.04 -1.39
CA GLY A 201 -12.62 21.69 -1.98
C GLY A 201 -11.46 21.91 -1.01
N CYS A 202 -10.42 22.57 -1.49
CA CYS A 202 -9.25 22.88 -0.67
C CYS A 202 -8.49 24.09 -1.22
N CYS A 203 -7.39 24.44 -0.56
CA CYS A 203 -6.59 25.58 -0.96
C CYS A 203 -5.75 25.33 -2.20
N LYS A 204 -5.07 26.37 -2.67
CA LYS A 204 -4.22 26.29 -3.84
C LYS A 204 -3.08 25.31 -3.64
N GLU A 205 -2.45 25.36 -2.48
CA GLU A 205 -1.32 24.50 -2.17
C GLU A 205 -1.60 23.01 -2.18
N LEU A 206 -2.70 22.59 -1.56
CA LEU A 206 -3.01 21.15 -1.55
C LEU A 206 -3.41 20.67 -2.93
N ALA A 207 -4.05 21.53 -3.70
CA ALA A 207 -4.55 21.17 -5.01
C ALA A 207 -3.45 20.99 -6.06
N SER A 208 -2.45 21.86 -6.05
CA SER A 208 -1.37 21.72 -7.01
C SER A 208 -0.60 20.46 -6.65
N ARG A 209 -0.49 20.19 -5.35
CA ARG A 209 0.20 18.99 -4.92
C ARG A 209 -0.54 17.70 -5.30
N LEU A 210 -1.87 17.77 -5.39
CA LEU A 210 -2.64 16.58 -5.80
C LEU A 210 -2.56 16.40 -7.31
N ARG A 211 -2.21 17.46 -8.03
CA ARG A 211 -2.08 17.37 -9.48
C ARG A 211 -0.71 16.77 -9.77
N TYR A 212 0.29 17.23 -9.01
CA TYR A 212 1.65 16.73 -9.15
C TYR A 212 1.66 15.27 -8.76
N ALA A 213 0.74 14.91 -7.88
CA ALA A 213 0.67 13.56 -7.39
C ALA A 213 0.17 12.60 -8.45
N ARG A 214 -0.85 13.01 -9.22
CA ARG A 214 -1.35 12.12 -10.25
C ARG A 214 -0.20 11.88 -11.22
N THR A 215 0.59 12.92 -11.44
CA THR A 215 1.70 12.85 -12.34
C THR A 215 2.70 11.80 -11.90
N MET A 216 3.10 11.84 -10.63
CA MET A 216 4.06 10.87 -10.08
C MET A 216 3.52 9.44 -10.04
N VAL A 217 2.21 9.31 -9.88
CA VAL A 217 1.61 7.98 -9.84
C VAL A 217 1.71 7.43 -11.24
N ASP A 218 1.46 8.30 -12.23
CA ASP A 218 1.55 7.93 -13.64
C ASP A 218 2.96 7.44 -13.94
N LYS A 219 3.97 8.11 -13.38
CA LYS A 219 5.34 7.71 -13.58
C LYS A 219 5.60 6.35 -12.91
N LEU A 220 5.04 6.15 -11.70
CA LEU A 220 5.23 4.87 -11.02
C LEU A 220 4.59 3.77 -11.85
N LEU A 221 3.40 4.08 -12.35
CA LEU A 221 2.58 3.18 -13.14
C LEU A 221 3.22 2.75 -14.46
N SER A 222 3.96 3.64 -15.10
CA SER A 222 4.59 3.26 -16.34
C SER A 222 6.06 2.88 -16.16
N SER A 223 6.35 2.12 -15.11
CA SER A 223 7.71 1.66 -14.82
C SER A 223 7.71 0.34 -14.09
N HIS B 3 -14.62 -24.94 22.19
CA HIS B 3 -14.58 -24.66 23.66
C HIS B 3 -14.38 -23.16 23.91
N LEU B 4 -14.59 -22.36 22.87
CA LEU B 4 -14.45 -20.92 22.93
C LEU B 4 -15.76 -20.18 23.21
N SER B 5 -16.86 -20.73 22.70
CA SER B 5 -18.18 -20.12 22.87
C SER B 5 -18.45 -19.58 24.27
N ASP B 6 -18.15 -20.37 25.29
CA ASP B 6 -18.37 -19.97 26.68
C ASP B 6 -17.49 -18.77 27.05
N MET B 7 -16.36 -18.63 26.36
CA MET B 7 -15.44 -17.52 26.60
C MET B 7 -16.00 -16.29 25.93
N LEU B 8 -16.35 -16.46 24.65
CA LEU B 8 -16.90 -15.38 23.85
C LEU B 8 -18.04 -14.70 24.60
N GLN B 9 -18.87 -15.52 25.23
CA GLN B 9 -20.00 -15.00 25.99
C GLN B 9 -19.53 -14.25 27.21
N GLN B 10 -18.59 -14.85 27.93
CA GLN B 10 -18.03 -14.23 29.14
C GLN B 10 -17.47 -12.86 28.81
N LEU B 11 -16.77 -12.77 27.68
CA LEU B 11 -16.19 -11.51 27.24
C LEU B 11 -17.31 -10.56 26.85
N HIS B 12 -18.12 -11.02 25.89
CA HIS B 12 -19.26 -10.27 25.38
C HIS B 12 -20.10 -9.75 26.54
N SER B 13 -20.27 -10.58 27.54
CA SER B 13 -21.06 -10.23 28.71
C SER B 13 -20.42 -9.14 29.59
N VAL B 14 -19.10 -9.09 29.66
CA VAL B 14 -18.45 -8.10 30.49
C VAL B 14 -18.18 -6.81 29.70
N ASN B 15 -17.95 -6.96 28.39
CA ASN B 15 -17.69 -5.81 27.55
C ASN B 15 -18.95 -4.94 27.41
N ALA B 16 -20.10 -5.60 27.36
CA ALA B 16 -21.37 -4.90 27.22
C ALA B 16 -21.67 -4.06 28.45
N SER B 17 -20.94 -4.29 29.54
CA SER B 17 -21.16 -3.53 30.77
C SER B 17 -20.26 -2.31 30.91
N LYS B 18 -19.52 -1.99 29.85
CA LYS B 18 -18.61 -0.84 29.85
C LYS B 18 -18.04 -0.64 31.26
N PRO B 19 -17.09 -1.50 31.67
CA PRO B 19 -16.43 -1.46 32.98
C PRO B 19 -15.59 -0.22 33.24
N SER B 20 -14.99 0.31 32.19
CA SER B 20 -14.15 1.49 32.30
C SER B 20 -15.00 2.75 32.51
N GLU B 21 -16.24 2.71 32.03
CA GLU B 21 -17.18 3.83 32.13
C GLU B 21 -18.00 3.79 33.43
N ARG B 22 -17.35 4.04 34.56
CA ARG B 22 -18.03 4.00 35.86
C ARG B 22 -17.65 5.12 36.81
N GLY B 23 -18.62 5.56 37.60
CA GLY B 23 -18.37 6.63 38.57
C GLY B 23 -17.16 6.26 39.40
N LEU B 24 -17.23 5.09 40.02
CA LEU B 24 -16.14 4.55 40.82
C LEU B 24 -15.75 3.18 40.30
N VAL B 25 -14.45 2.94 40.17
CA VAL B 25 -13.96 1.65 39.70
C VAL B 25 -13.28 0.93 40.85
N ARG B 26 -13.73 -0.29 41.11
CA ARG B 26 -13.16 -1.09 42.19
C ARG B 26 -12.62 -2.43 41.67
N GLN B 27 -11.65 -2.32 40.77
CA GLN B 27 -11.01 -3.46 40.13
C GLN B 27 -10.39 -4.43 41.15
N GLU B 28 -9.93 -3.89 42.26
CA GLU B 28 -9.31 -4.68 43.31
C GLU B 28 -10.22 -5.82 43.81
N GLU B 29 -11.49 -5.51 44.04
CA GLU B 29 -12.45 -6.49 44.55
C GLU B 29 -12.77 -7.63 43.59
N ALA B 30 -12.32 -7.51 42.34
CA ALA B 30 -12.58 -8.56 41.35
C ALA B 30 -11.41 -9.56 41.30
N GLU B 31 -10.38 -9.32 42.09
CA GLU B 31 -9.23 -10.20 42.10
C GLU B 31 -9.42 -11.42 43.00
N ASP B 32 -9.16 -12.61 42.44
CA ASP B 32 -9.28 -13.87 43.15
C ASP B 32 -8.02 -14.73 42.92
N PRO B 33 -7.10 -14.76 43.88
CA PRO B 33 -5.89 -15.56 43.73
C PRO B 33 -6.21 -17.03 43.44
N ALA B 34 -7.33 -17.50 43.97
CA ALA B 34 -7.76 -18.88 43.77
C ALA B 34 -8.10 -19.20 42.32
N CYS B 35 -7.96 -18.24 41.41
CA CYS B 35 -8.27 -18.50 40.01
C CYS B 35 -7.06 -18.41 39.10
N ILE B 36 -5.89 -18.24 39.70
CA ILE B 36 -4.62 -18.15 38.99
C ILE B 36 -4.52 -19.34 38.05
N PRO B 37 -4.05 -19.11 36.83
CA PRO B 37 -3.96 -20.24 35.90
C PRO B 37 -2.99 -21.29 36.39
N ILE B 38 -3.06 -22.49 35.84
CA ILE B 38 -2.12 -23.52 36.22
C ILE B 38 -1.01 -23.42 35.17
N PHE B 39 -1.38 -23.10 33.93
CA PHE B 39 -0.38 -22.96 32.89
C PHE B 39 -0.47 -21.65 32.13
N TRP B 40 0.52 -21.44 31.28
CA TRP B 40 0.60 -20.27 30.42
C TRP B 40 1.91 -20.30 29.67
N VAL B 41 1.94 -19.60 28.54
CA VAL B 41 3.13 -19.57 27.72
C VAL B 41 4.07 -18.53 28.28
N SER B 42 5.26 -18.95 28.71
CA SER B 42 6.21 -17.99 29.30
C SER B 42 7.36 -17.58 28.39
N LYS B 43 7.47 -18.23 27.24
CA LYS B 43 8.50 -17.97 26.24
C LYS B 43 8.02 -18.60 24.94
N TRP B 44 8.23 -17.92 23.81
CA TRP B 44 7.82 -18.51 22.54
C TRP B 44 8.73 -18.06 21.41
N VAL B 45 8.80 -18.87 20.36
CA VAL B 45 9.62 -18.55 19.21
C VAL B 45 8.92 -18.90 17.91
N ASP B 46 8.77 -17.92 17.04
CA ASP B 46 8.12 -18.15 15.76
C ASP B 46 9.15 -18.57 14.75
N TYR B 47 8.95 -19.77 14.20
CA TYR B 47 9.84 -20.32 13.19
C TYR B 47 8.95 -20.98 12.15
N SER B 48 7.68 -20.59 12.13
CA SER B 48 6.68 -21.10 11.20
C SER B 48 7.15 -20.84 9.77
N ASP B 49 8.25 -20.11 9.70
CA ASP B 49 8.90 -19.78 8.46
C ASP B 49 9.28 -21.11 7.79
N LYS B 50 10.03 -21.93 8.53
CA LYS B 50 10.49 -23.20 8.02
C LYS B 50 10.19 -24.42 8.90
N TYR B 51 9.52 -24.24 10.04
CA TYR B 51 9.28 -25.39 10.91
C TYR B 51 8.00 -25.42 11.75
N GLY B 52 7.80 -24.36 12.54
CA GLY B 52 6.62 -24.29 13.40
C GLY B 52 6.87 -23.32 14.56
N LEU B 53 5.92 -23.26 15.49
CA LEU B 53 6.02 -22.35 16.64
C LEU B 53 6.45 -23.06 17.93
N GLY B 54 7.64 -22.70 18.43
CA GLY B 54 8.16 -23.28 19.64
C GLY B 54 7.83 -22.46 20.87
N TYR B 55 7.60 -23.11 22.01
CA TYR B 55 7.26 -22.38 23.21
C TYR B 55 7.56 -23.09 24.54
N GLN B 56 7.37 -22.36 25.62
CA GLN B 56 7.59 -22.89 26.95
C GLN B 56 6.39 -22.61 27.83
N LEU B 57 5.97 -23.60 28.60
CA LEU B 57 4.87 -23.41 29.53
C LEU B 57 5.53 -23.01 30.87
N CYS B 58 4.75 -22.39 31.77
CA CYS B 58 5.30 -21.91 33.04
C CYS B 58 6.02 -22.96 33.90
N ASP B 59 5.72 -24.23 33.66
CA ASP B 59 6.31 -25.31 34.42
C ASP B 59 7.63 -25.78 33.80
N ASN B 60 8.17 -25.00 32.86
CA ASN B 60 9.44 -25.31 32.19
C ASN B 60 9.41 -26.39 31.11
N SER B 61 8.24 -26.94 30.82
CA SER B 61 8.14 -27.92 29.75
C SER B 61 8.21 -27.14 28.44
N VAL B 62 8.54 -27.82 27.35
CA VAL B 62 8.65 -27.15 26.06
C VAL B 62 7.83 -27.92 25.02
N GLY B 63 7.10 -27.18 24.20
CA GLY B 63 6.28 -27.79 23.19
C GLY B 63 6.49 -27.09 21.87
N VAL B 64 6.02 -27.72 20.80
CA VAL B 64 6.13 -27.16 19.47
C VAL B 64 4.90 -27.56 18.65
N LEU B 65 4.47 -26.67 17.76
CA LEU B 65 3.33 -26.95 16.90
C LEU B 65 3.88 -26.80 15.49
N PHE B 66 4.42 -27.89 14.96
CA PHE B 66 5.01 -27.89 13.62
C PHE B 66 4.00 -27.47 12.55
N ASN B 67 4.53 -27.07 11.39
CA ASN B 67 3.66 -26.65 10.30
C ASN B 67 2.65 -27.70 9.84
N ASP B 68 3.04 -28.97 9.91
CA ASP B 68 2.15 -30.04 9.49
C ASP B 68 1.08 -30.43 10.51
N SER B 69 0.64 -29.46 11.30
CA SER B 69 -0.38 -29.68 12.32
C SER B 69 0.03 -30.66 13.44
N THR B 70 1.32 -31.00 13.50
CA THR B 70 1.80 -31.92 14.54
C THR B 70 2.45 -31.20 15.72
N ARG B 71 2.26 -31.78 16.90
CA ARG B 71 2.79 -31.22 18.13
C ARG B 71 3.69 -32.22 18.88
N LEU B 72 4.79 -31.68 19.40
CA LEU B 72 5.76 -32.45 20.18
C LEU B 72 5.92 -31.78 21.56
N ILE B 73 5.62 -32.53 22.61
CA ILE B 73 5.72 -31.99 23.97
C ILE B 73 6.74 -32.67 24.86
N LEU B 74 7.75 -31.92 25.28
CA LEU B 74 8.80 -32.43 26.16
C LEU B 74 8.47 -32.00 27.60
N TYR B 75 8.11 -32.96 28.46
CA TYR B 75 7.78 -32.62 29.85
C TYR B 75 9.02 -32.12 30.58
N ASN B 76 8.84 -31.52 31.76
CA ASN B 76 10.00 -30.97 32.48
C ASN B 76 10.91 -32.02 33.11
N ASP B 77 10.55 -33.30 32.94
CA ASP B 77 11.38 -34.37 33.48
C ASP B 77 12.62 -34.45 32.58
N GLY B 78 12.60 -33.66 31.50
CA GLY B 78 13.69 -33.60 30.55
C GLY B 78 13.84 -34.74 29.55
N ASP B 79 13.00 -35.76 29.68
CA ASP B 79 13.09 -36.94 28.82
C ASP B 79 11.75 -37.32 28.15
N SER B 80 10.69 -37.32 28.93
CA SER B 80 9.38 -37.68 28.43
C SER B 80 8.91 -36.82 27.27
N LEU B 81 8.27 -37.47 26.30
CA LEU B 81 7.74 -36.80 25.12
C LEU B 81 6.35 -37.29 24.76
N GLN B 82 5.53 -36.38 24.25
CA GLN B 82 4.18 -36.72 23.82
C GLN B 82 4.13 -36.31 22.34
N TYR B 83 3.27 -36.97 21.57
CA TYR B 83 3.16 -36.64 20.16
C TYR B 83 1.69 -36.60 19.79
N ILE B 84 1.25 -35.49 19.22
CA ILE B 84 -0.16 -35.38 18.83
C ILE B 84 -0.36 -35.09 17.37
N GLU B 85 -0.69 -36.15 16.63
CA GLU B 85 -0.93 -36.07 15.20
C GLU B 85 -2.13 -35.18 14.92
N ARG B 86 -2.28 -34.80 13.65
CA ARG B 86 -3.37 -33.95 13.22
C ARG B 86 -4.70 -34.51 13.71
N ASP B 87 -4.90 -35.81 13.47
CA ASP B 87 -6.12 -36.50 13.88
C ASP B 87 -6.24 -36.59 15.39
N GLY B 88 -5.34 -35.90 16.09
CA GLY B 88 -5.34 -35.89 17.54
C GLY B 88 -4.87 -37.14 18.26
N THR B 89 -4.31 -38.11 17.54
CA THR B 89 -3.83 -39.35 18.18
C THR B 89 -2.57 -39.09 19.00
N GLU B 90 -2.55 -39.58 20.24
CA GLU B 90 -1.42 -39.37 21.15
C GLU B 90 -0.49 -40.58 21.32
N SER B 91 0.81 -40.30 21.23
CA SER B 91 1.85 -41.31 21.36
C SER B 91 2.93 -40.81 22.32
N TYR B 92 3.50 -41.70 23.11
CA TYR B 92 4.51 -41.32 24.07
C TYR B 92 5.89 -41.90 23.78
N LEU B 93 6.91 -41.05 23.80
CA LEU B 93 8.28 -41.47 23.56
C LEU B 93 9.24 -40.92 24.58
N THR B 94 10.52 -40.97 24.25
CA THR B 94 11.54 -40.45 25.15
C THR B 94 12.66 -39.95 24.27
N VAL B 95 13.42 -38.98 24.78
CA VAL B 95 14.52 -38.46 24.02
C VAL B 95 15.54 -39.57 23.82
N SER B 96 15.85 -40.27 24.92
CA SER B 96 16.82 -41.37 24.86
C SER B 96 16.11 -42.70 24.53
N ASN B 100 13.18 -43.26 14.82
CA ASN B 100 13.86 -42.26 14.01
C ASN B 100 12.86 -41.44 13.19
N SER B 101 11.66 -41.99 13.02
CA SER B 101 10.62 -41.31 12.26
C SER B 101 10.28 -39.96 12.86
N LEU B 102 10.90 -39.65 14.00
CA LEU B 102 10.66 -38.39 14.68
C LEU B 102 11.93 -37.82 15.28
N MET B 103 13.08 -38.29 14.84
CA MET B 103 14.34 -37.79 15.37
C MET B 103 14.59 -36.37 14.88
N LYS B 104 14.11 -36.07 13.68
CA LYS B 104 14.26 -34.73 13.10
C LYS B 104 13.53 -33.71 13.95
N LYS B 105 12.24 -33.93 14.13
CA LYS B 105 11.43 -33.03 14.94
C LYS B 105 12.03 -32.89 16.33
N ILE B 106 12.37 -34.02 16.94
CA ILE B 106 12.98 -34.02 18.26
C ILE B 106 14.19 -33.08 18.29
N THR B 107 14.90 -32.99 17.18
CA THR B 107 16.08 -32.13 17.11
C THR B 107 15.67 -30.67 17.05
N LEU B 108 14.53 -30.40 16.42
CA LEU B 108 14.07 -29.02 16.30
C LEU B 108 13.68 -28.51 17.66
N LEU B 109 12.83 -29.28 18.35
CA LEU B 109 12.39 -28.90 19.68
C LEU B 109 13.63 -28.70 20.54
N LYS B 110 14.60 -29.60 20.40
CA LYS B 110 15.84 -29.50 21.15
C LYS B 110 16.44 -28.11 20.92
N TYR B 111 16.36 -27.63 19.68
CA TYR B 111 16.88 -26.32 19.32
C TYR B 111 16.10 -25.19 20.01
N PHE B 112 14.78 -25.18 19.79
CA PHE B 112 13.91 -24.18 20.41
C PHE B 112 14.18 -24.08 21.91
N ARG B 113 14.20 -25.23 22.58
CA ARG B 113 14.45 -25.32 24.01
C ARG B 113 15.66 -24.47 24.38
N ASN B 114 16.72 -24.58 23.58
CA ASN B 114 17.94 -23.83 23.84
C ASN B 114 17.90 -22.39 23.40
N TYR B 115 17.10 -22.08 22.39
CA TYR B 115 17.03 -20.71 21.96
C TYR B 115 16.35 -19.94 23.07
N MET B 116 15.23 -20.47 23.53
CA MET B 116 14.47 -19.85 24.59
C MET B 116 15.28 -19.77 25.86
N SER B 117 15.92 -20.88 26.20
CA SER B 117 16.73 -20.94 27.40
C SER B 117 17.84 -19.92 27.45
N GLU B 118 18.46 -19.70 26.30
CA GLU B 118 19.58 -18.78 26.22
C GLU B 118 19.31 -17.31 25.98
N HIS B 119 18.17 -16.96 25.38
CA HIS B 119 17.89 -15.56 25.08
C HIS B 119 16.69 -14.86 25.73
N LEU B 120 15.63 -15.63 25.96
CA LEU B 120 14.38 -15.06 26.46
C LEU B 120 14.01 -15.11 27.95
N LEU B 121 13.31 -14.06 28.39
CA LEU B 121 12.84 -13.94 29.78
C LEU B 121 11.68 -14.91 30.02
N LYS B 122 11.51 -15.34 31.26
CA LYS B 122 10.44 -16.26 31.58
C LYS B 122 9.26 -15.50 32.20
N ALA B 123 8.26 -15.20 31.38
CA ALA B 123 7.10 -14.48 31.87
C ALA B 123 6.46 -15.18 33.08
N GLY B 124 6.24 -14.44 34.15
CA GLY B 124 5.62 -15.01 35.33
C GLY B 124 6.48 -15.99 36.10
N ALA B 125 7.80 -15.92 35.93
CA ALA B 125 8.71 -16.84 36.61
C ALA B 125 8.57 -16.77 38.11
N ASN B 126 8.17 -15.60 38.58
CA ASN B 126 8.01 -15.36 40.00
C ASN B 126 6.60 -15.70 40.48
N ILE B 127 5.76 -16.20 39.60
CA ILE B 127 4.41 -16.52 40.01
C ILE B 127 4.22 -18.01 40.25
N THR B 128 3.58 -18.30 41.38
CA THR B 128 3.30 -19.68 41.74
C THR B 128 1.97 -20.04 41.08
N PRO B 129 2.01 -20.93 40.07
CA PRO B 129 0.76 -21.30 39.42
C PRO B 129 -0.20 -21.89 40.44
N ARG B 130 -1.48 -21.96 40.07
CA ARG B 130 -2.48 -22.52 40.97
C ARG B 130 -2.17 -23.99 41.15
N GLU B 131 -2.64 -24.54 42.25
CA GLU B 131 -2.45 -25.94 42.59
C GLU B 131 -3.42 -26.78 41.77
N GLY B 132 -2.91 -27.80 41.10
CA GLY B 132 -3.75 -28.68 40.31
C GLY B 132 -3.02 -29.96 39.93
N ASP B 133 -2.76 -30.83 40.92
CA ASP B 133 -2.00 -32.05 40.60
C ASP B 133 -2.79 -33.32 40.31
N GLU B 134 -4.10 -33.20 40.22
CA GLU B 134 -4.91 -34.37 39.92
C GLU B 134 -4.71 -34.74 38.44
N LEU B 135 -3.99 -33.91 37.70
CA LEU B 135 -3.74 -34.17 36.29
C LEU B 135 -2.28 -34.14 35.87
N ALA B 136 -1.79 -35.28 35.40
CA ALA B 136 -0.42 -35.38 34.96
C ALA B 136 -0.23 -34.98 33.51
N ARG B 137 -1.33 -34.86 32.77
CA ARG B 137 -1.22 -34.49 31.36
C ARG B 137 -1.08 -32.98 31.16
N LEU B 138 -0.26 -32.62 30.18
CA LEU B 138 0.07 -31.23 29.86
C LEU B 138 -0.64 -30.66 28.62
N PRO B 139 -1.25 -29.48 28.74
CA PRO B 139 -1.92 -28.90 27.57
C PRO B 139 -0.93 -28.54 26.47
N TYR B 140 -1.36 -28.67 25.22
CA TYR B 140 -0.52 -28.32 24.09
C TYR B 140 -1.13 -27.11 23.40
N LEU B 141 -0.39 -26.53 22.46
CA LEU B 141 -0.89 -25.37 21.72
C LEU B 141 -1.93 -25.84 20.71
N ARG B 142 -3.17 -25.42 20.91
CA ARG B 142 -4.25 -25.79 20.00
C ARG B 142 -4.03 -25.14 18.63
N THR B 143 -3.59 -23.87 18.63
CA THR B 143 -3.31 -23.11 17.41
C THR B 143 -2.88 -21.68 17.79
N TRP B 144 -2.52 -20.89 16.79
CA TRP B 144 -2.12 -19.51 17.05
C TRP B 144 -2.13 -18.64 15.80
N PHE B 145 -1.84 -17.35 15.97
CA PHE B 145 -1.77 -16.41 14.87
C PHE B 145 -1.37 -15.03 15.38
N ARG B 146 -0.69 -14.27 14.52
CA ARG B 146 -0.25 -12.93 14.89
C ARG B 146 -1.01 -11.82 14.18
N THR B 147 -0.93 -10.64 14.77
CA THR B 147 -1.56 -9.45 14.23
C THR B 147 -0.52 -8.37 14.37
N ARG B 148 -0.92 -7.14 14.08
CA ARG B 148 -0.04 -5.99 14.16
C ARG B 148 0.37 -5.64 15.60
N SER B 149 -0.56 -5.82 16.54
CA SER B 149 -0.30 -5.47 17.92
C SER B 149 0.08 -6.59 18.89
N ALA B 150 -0.39 -7.81 18.64
CA ALA B 150 -0.11 -8.92 19.55
C ALA B 150 -0.08 -10.30 18.90
N ILE B 151 0.21 -11.31 19.72
CA ILE B 151 0.23 -12.70 19.28
C ILE B 151 -0.84 -13.39 20.11
N ILE B 152 -1.55 -14.33 19.49
CA ILE B 152 -2.63 -15.03 20.17
C ILE B 152 -2.33 -16.51 20.29
N LEU B 153 -2.43 -17.03 21.50
CA LEU B 153 -2.16 -18.44 21.75
C LEU B 153 -3.34 -19.16 22.39
N HIS B 154 -3.77 -20.23 21.73
CA HIS B 154 -4.89 -21.06 22.19
C HIS B 154 -4.39 -22.43 22.64
N LEU B 155 -4.77 -22.82 23.85
CA LEU B 155 -4.31 -24.09 24.41
C LEU B 155 -5.39 -25.15 24.49
N SER B 156 -4.97 -26.41 24.44
CA SER B 156 -5.87 -27.53 24.51
C SER B 156 -6.71 -27.56 25.78
N ASN B 157 -6.29 -26.82 26.81
CA ASN B 157 -7.08 -26.82 28.04
C ASN B 157 -8.11 -25.70 27.90
N GLY B 158 -8.13 -25.06 26.75
CA GLY B 158 -9.09 -24.00 26.49
C GLY B 158 -8.74 -22.60 26.98
N SER B 159 -7.46 -22.28 27.07
CA SER B 159 -7.06 -20.96 27.52
C SER B 159 -6.56 -20.21 26.31
N VAL B 160 -6.73 -18.89 26.35
CA VAL B 160 -6.26 -18.05 25.25
C VAL B 160 -5.31 -17.05 25.85
N GLN B 161 -4.15 -16.93 25.24
CA GLN B 161 -3.17 -15.99 25.74
C GLN B 161 -2.90 -14.97 24.67
N ILE B 162 -2.87 -13.70 25.07
CA ILE B 162 -2.61 -12.63 24.14
C ILE B 162 -1.42 -11.83 24.64
N ASN B 163 -0.38 -11.76 23.82
CA ASN B 163 0.82 -11.01 24.19
C ASN B 163 0.95 -9.77 23.35
N PHE B 164 0.79 -8.60 23.95
CA PHE B 164 0.90 -7.36 23.21
C PHE B 164 2.36 -6.96 23.12
N PHE B 165 2.87 -6.93 21.90
CA PHE B 165 4.27 -6.62 21.57
C PHE B 165 4.92 -5.36 22.13
N GLN B 166 4.36 -4.20 21.82
CA GLN B 166 4.95 -2.95 22.25
C GLN B 166 5.07 -2.68 23.74
N ASP B 167 3.95 -2.76 24.45
CA ASP B 167 3.96 -2.49 25.89
C ASP B 167 4.24 -3.71 26.76
N HIS B 168 4.42 -4.86 26.12
CA HIS B 168 4.72 -6.08 26.85
C HIS B 168 3.62 -6.54 27.82
N THR B 169 2.42 -5.96 27.72
CA THR B 169 1.34 -6.41 28.59
C THR B 169 0.80 -7.70 27.97
N LYS B 170 0.15 -8.53 28.79
CA LYS B 170 -0.38 -9.80 28.32
C LYS B 170 -1.68 -10.10 29.06
N LEU B 171 -2.45 -11.01 28.47
CA LEU B 171 -3.72 -11.48 29.02
C LEU B 171 -3.83 -13.00 28.94
N ILE B 172 -4.39 -13.61 29.98
CA ILE B 172 -4.60 -15.05 29.97
C ILE B 172 -6.06 -15.27 30.38
N LEU B 173 -6.85 -15.84 29.47
CA LEU B 173 -8.27 -16.03 29.76
C LEU B 173 -8.66 -17.49 29.90
N CYS B 174 -9.37 -17.81 31.00
CA CYS B 174 -9.81 -19.17 31.22
C CYS B 174 -11.33 -19.26 31.24
N PRO B 175 -11.89 -19.96 30.25
CA PRO B 175 -13.33 -20.14 30.16
C PRO B 175 -13.80 -21.09 31.25
N LEU B 176 -12.87 -21.92 31.74
CA LEU B 176 -13.18 -22.89 32.78
C LEU B 176 -13.28 -22.23 34.15
N MET B 177 -12.41 -21.26 34.41
CA MET B 177 -12.42 -20.55 35.68
C MET B 177 -13.24 -19.27 35.55
N ALA B 178 -13.49 -18.86 34.31
CA ALA B 178 -14.26 -17.64 34.04
C ALA B 178 -13.47 -16.43 34.54
N ALA B 179 -12.17 -16.41 34.24
CA ALA B 179 -11.32 -15.33 34.70
C ALA B 179 -10.28 -14.90 33.70
N VAL B 180 -9.75 -13.70 33.94
CA VAL B 180 -8.71 -13.15 33.09
C VAL B 180 -7.50 -12.80 33.99
N THR B 181 -6.30 -13.09 33.49
CA THR B 181 -5.09 -12.76 34.22
C THR B 181 -4.44 -11.66 33.40
N TYR B 182 -4.05 -10.60 34.08
CA TYR B 182 -3.45 -9.46 33.39
C TYR B 182 -2.07 -9.06 33.89
N ILE B 183 -1.06 -9.28 33.06
CA ILE B 183 0.30 -8.88 33.36
C ILE B 183 0.32 -7.46 32.80
N ASP B 184 0.13 -6.49 33.69
CA ASP B 184 0.06 -5.09 33.33
C ASP B 184 1.35 -4.36 33.02
N GLU B 185 1.19 -3.06 32.80
CA GLU B 185 2.28 -2.15 32.48
C GLU B 185 3.26 -2.00 33.65
N LYS B 186 2.70 -2.05 34.87
CA LYS B 186 3.48 -1.95 36.10
C LYS B 186 4.24 -3.27 36.32
N ARG B 187 4.15 -4.17 35.34
CA ARG B 187 4.81 -5.48 35.39
C ARG B 187 4.19 -6.49 36.38
N ASP B 188 3.11 -6.11 37.06
CA ASP B 188 2.45 -7.01 37.99
C ASP B 188 1.67 -8.12 37.28
N PHE B 189 1.24 -9.12 38.05
CA PHE B 189 0.55 -10.29 37.50
C PHE B 189 -0.67 -10.61 38.33
N ARG B 190 -1.83 -10.12 37.91
CA ARG B 190 -3.04 -10.37 38.71
C ARG B 190 -4.17 -10.99 37.93
N THR B 191 -4.91 -11.87 38.61
CA THR B 191 -6.03 -12.55 37.98
C THR B 191 -7.35 -12.04 38.58
N TYR B 192 -8.31 -11.76 37.72
CA TYR B 192 -9.63 -11.30 38.16
C TYR B 192 -10.65 -12.18 37.47
N ARG B 193 -11.75 -12.49 38.17
CA ARG B 193 -12.79 -13.28 37.53
C ARG B 193 -13.71 -12.29 36.78
N LEU B 194 -14.00 -12.58 35.53
CA LEU B 194 -14.83 -11.71 34.71
C LEU B 194 -16.07 -11.18 35.43
N SER B 195 -16.93 -12.09 35.88
CA SER B 195 -18.16 -11.74 36.58
C SER B 195 -18.06 -10.59 37.58
N LEU B 196 -16.89 -10.34 38.16
CA LEU B 196 -16.78 -9.25 39.14
C LEU B 196 -16.26 -7.95 38.58
N LEU B 197 -15.80 -7.98 37.33
CA LEU B 197 -15.32 -6.76 36.66
C LEU B 197 -16.59 -6.12 36.14
N GLU B 198 -17.42 -6.95 35.51
CA GLU B 198 -18.69 -6.52 34.95
C GLU B 198 -19.44 -5.79 36.06
N GLU B 199 -19.06 -6.07 37.31
CA GLU B 199 -19.69 -5.44 38.44
C GLU B 199 -18.94 -4.22 39.00
N TYR B 200 -17.75 -4.42 39.55
CA TYR B 200 -16.98 -3.30 40.12
C TYR B 200 -16.21 -2.50 39.07
N GLY B 201 -16.13 -3.02 37.85
CA GLY B 201 -15.41 -2.33 36.79
C GLY B 201 -13.89 -2.36 36.90
N CYS B 202 -13.21 -2.20 35.77
CA CYS B 202 -11.75 -2.20 35.74
C CYS B 202 -11.19 -0.87 35.21
N CYS B 203 -9.92 -0.89 34.82
CA CYS B 203 -9.25 0.29 34.30
C CYS B 203 -9.48 0.34 32.78
N LYS B 204 -9.09 1.45 32.14
CA LYS B 204 -9.29 1.57 30.69
C LYS B 204 -8.42 0.66 29.86
N GLU B 205 -7.19 0.45 30.31
CA GLU B 205 -6.24 -0.43 29.61
C GLU B 205 -6.73 -1.87 29.54
N LEU B 206 -7.23 -2.39 30.65
CA LEU B 206 -7.72 -3.76 30.67
C LEU B 206 -9.02 -3.86 29.83
N ALA B 207 -9.94 -2.92 30.01
CA ALA B 207 -11.21 -2.93 29.26
C ALA B 207 -10.90 -2.92 27.76
N SER B 208 -9.98 -2.03 27.39
CA SER B 208 -9.52 -1.88 26.01
C SER B 208 -9.09 -3.22 25.47
N ARG B 209 -8.15 -3.86 26.17
CA ARG B 209 -7.63 -5.17 25.80
C ARG B 209 -8.67 -6.28 25.86
N LEU B 210 -9.61 -6.19 26.81
CA LEU B 210 -10.64 -7.21 26.90
C LEU B 210 -11.51 -7.12 25.66
N ARG B 211 -11.58 -5.92 25.08
CA ARG B 211 -12.34 -5.71 23.86
C ARG B 211 -11.56 -6.34 22.71
N TYR B 212 -10.26 -6.05 22.67
CA TYR B 212 -9.38 -6.59 21.64
C TYR B 212 -9.47 -8.13 21.74
N ALA B 213 -9.58 -8.62 22.97
CA ALA B 213 -9.68 -10.04 23.23
C ALA B 213 -10.87 -10.67 22.52
N ARG B 214 -12.07 -10.15 22.77
CA ARG B 214 -13.30 -10.65 22.15
C ARG B 214 -13.13 -10.66 20.63
N THR B 215 -12.57 -9.58 20.10
CA THR B 215 -12.34 -9.46 18.67
C THR B 215 -11.50 -10.66 18.21
N MET B 216 -10.42 -10.92 18.94
CA MET B 216 -9.50 -12.02 18.64
C MET B 216 -10.12 -13.39 18.85
N VAL B 217 -11.04 -13.49 19.79
CA VAL B 217 -11.72 -14.75 20.06
C VAL B 217 -12.54 -15.14 18.83
N ASP B 218 -13.17 -14.16 18.19
CA ASP B 218 -13.97 -14.40 16.97
C ASP B 218 -13.08 -15.02 15.92
N LYS B 219 -11.90 -14.43 15.73
CA LYS B 219 -10.94 -14.91 14.75
C LYS B 219 -10.70 -16.41 14.91
N LEU B 220 -10.68 -16.87 16.15
CA LEU B 220 -10.48 -18.28 16.43
C LEU B 220 -11.78 -19.01 16.25
N LEU B 221 -12.73 -18.64 17.10
CA LEU B 221 -14.06 -19.24 17.13
C LEU B 221 -14.57 -19.63 15.75
N SER B 222 -14.36 -18.79 14.76
CA SER B 222 -14.82 -19.11 13.41
C SER B 222 -14.15 -20.40 12.93
N SER B 223 -12.95 -20.27 12.39
CA SER B 223 -12.18 -21.40 11.88
C SER B 223 -12.38 -22.66 12.73
N HIS C 3 -13.15 13.54 -45.85
CA HIS C 3 -14.10 12.50 -45.38
C HIS C 3 -15.07 13.06 -44.33
N LEU C 4 -15.10 14.39 -44.19
CA LEU C 4 -15.97 15.04 -43.21
C LEU C 4 -17.44 14.75 -43.48
N SER C 5 -17.87 14.99 -44.72
CA SER C 5 -19.26 14.75 -45.09
C SER C 5 -19.60 13.28 -44.90
N ASP C 6 -18.58 12.42 -45.01
CA ASP C 6 -18.78 10.98 -44.83
C ASP C 6 -19.05 10.72 -43.36
N MET C 7 -18.09 11.10 -42.53
CA MET C 7 -18.18 10.91 -41.10
C MET C 7 -19.40 11.60 -40.50
N LEU C 8 -19.80 12.72 -41.09
CA LEU C 8 -20.96 13.46 -40.60
C LEU C 8 -22.24 12.64 -40.78
N GLN C 9 -22.35 11.92 -41.90
CA GLN C 9 -23.53 11.08 -42.15
C GLN C 9 -23.55 9.92 -41.17
N GLN C 10 -22.39 9.28 -41.02
CA GLN C 10 -22.26 8.14 -40.13
C GLN C 10 -22.71 8.53 -38.72
N LEU C 11 -22.56 9.82 -38.40
CA LEU C 11 -22.97 10.34 -37.10
C LEU C 11 -24.43 10.73 -37.08
N HIS C 12 -24.84 11.64 -37.97
CA HIS C 12 -26.23 12.07 -38.03
C HIS C 12 -27.14 10.86 -38.05
N SER C 13 -26.61 9.77 -38.57
CA SER C 13 -27.33 8.51 -38.64
C SER C 13 -27.49 7.96 -37.21
N VAL C 14 -26.38 7.56 -36.63
CA VAL C 14 -26.35 7.01 -35.28
C VAL C 14 -27.02 7.91 -34.24
N ASN C 15 -26.97 9.23 -34.46
CA ASN C 15 -27.58 10.16 -33.51
C ASN C 15 -29.08 10.25 -33.69
N ALA C 16 -29.52 10.56 -34.90
CA ALA C 16 -30.94 10.67 -35.20
C ALA C 16 -31.68 9.45 -34.66
N SER C 17 -30.98 8.31 -34.66
CA SER C 17 -31.52 7.06 -34.15
C SER C 17 -31.61 7.06 -32.62
N LYS C 18 -30.49 6.78 -31.95
CA LYS C 18 -30.45 6.75 -30.48
C LYS C 18 -31.22 7.93 -29.92
N GLU C 31 -20.25 -3.62 -31.11
CA GLU C 31 -19.01 -4.16 -30.57
C GLU C 31 -17.87 -3.96 -31.59
N ASP C 32 -16.76 -4.66 -31.39
CA ASP C 32 -15.58 -4.56 -32.27
C ASP C 32 -16.00 -4.52 -33.74
N ILE C 36 -9.52 -1.31 -34.88
CA ILE C 36 -8.55 -0.55 -34.11
C ILE C 36 -7.74 0.33 -35.04
N PRO C 37 -7.78 1.66 -34.85
CA PRO C 37 -7.01 2.55 -35.72
C PRO C 37 -5.53 2.18 -35.71
N ILE C 38 -4.87 2.42 -36.84
CA ILE C 38 -3.45 2.13 -36.95
C ILE C 38 -2.67 3.38 -36.58
N PHE C 39 -3.39 4.50 -36.56
CA PHE C 39 -2.82 5.80 -36.24
C PHE C 39 -3.71 6.72 -35.39
N TRP C 40 -3.10 7.26 -34.33
CA TRP C 40 -3.77 8.19 -33.42
C TRP C 40 -2.66 9.07 -32.81
N VAL C 41 -3.03 10.27 -32.37
CA VAL C 41 -2.06 11.18 -31.76
C VAL C 41 -1.92 10.90 -30.28
N SER C 42 -0.69 10.62 -29.86
CA SER C 42 -0.44 10.36 -28.46
C SER C 42 -0.19 11.68 -27.68
N LYS C 43 0.90 12.38 -28.00
CA LYS C 43 1.26 13.64 -27.36
C LYS C 43 1.05 14.84 -28.28
N TRP C 44 1.23 16.04 -27.73
CA TRP C 44 1.11 17.28 -28.48
C TRP C 44 1.47 18.51 -27.64
N VAL C 45 1.89 19.57 -28.32
CA VAL C 45 2.31 20.80 -27.70
C VAL C 45 1.79 22.01 -28.45
N ASP C 46 0.81 22.68 -27.87
CA ASP C 46 0.25 23.84 -28.51
C ASP C 46 1.06 25.08 -28.18
N TYR C 47 1.89 25.50 -29.14
CA TYR C 47 2.70 26.70 -28.99
C TYR C 47 2.31 27.59 -30.17
N SER C 48 1.05 27.49 -30.56
CA SER C 48 0.49 28.22 -31.69
C SER C 48 0.67 29.73 -31.68
N ASP C 49 0.67 30.31 -30.49
CA ASP C 49 0.82 31.75 -30.37
C ASP C 49 2.12 32.18 -31.01
N LYS C 50 3.11 31.29 -31.02
CA LYS C 50 4.43 31.63 -31.57
C LYS C 50 4.92 30.85 -32.80
N TYR C 51 4.67 29.53 -32.86
CA TYR C 51 5.15 28.73 -33.99
C TYR C 51 4.09 27.81 -34.60
N GLY C 52 3.39 27.07 -33.75
CA GLY C 52 2.39 26.15 -34.24
C GLY C 52 2.28 24.94 -33.34
N LEU C 53 1.43 23.99 -33.73
CA LEU C 53 1.19 22.79 -32.94
C LEU C 53 2.07 21.61 -33.26
N GLY C 54 2.79 21.14 -32.25
CA GLY C 54 3.64 19.98 -32.41
C GLY C 54 2.86 18.78 -31.88
N TYR C 55 3.18 17.58 -32.36
CA TYR C 55 2.48 16.38 -31.94
C TYR C 55 3.31 15.14 -32.19
N GLN C 56 2.83 14.01 -31.69
CA GLN C 56 3.49 12.74 -31.88
C GLN C 56 2.41 11.73 -32.23
N LEU C 57 2.83 10.61 -32.83
CA LEU C 57 1.89 9.56 -33.21
C LEU C 57 2.23 8.25 -32.53
N CYS C 58 1.24 7.36 -32.41
CA CYS C 58 1.45 6.07 -31.78
C CYS C 58 2.78 5.45 -32.16
N ASP C 59 3.06 5.44 -33.46
CA ASP C 59 4.30 4.87 -33.97
C ASP C 59 5.56 5.69 -33.70
N ASN C 60 5.49 6.60 -32.72
CA ASN C 60 6.63 7.43 -32.35
C ASN C 60 7.14 8.42 -33.40
N SER C 61 6.30 8.75 -34.37
CA SER C 61 6.68 9.70 -35.41
C SER C 61 6.34 11.08 -34.83
N VAL C 62 7.08 12.12 -35.23
CA VAL C 62 6.81 13.46 -34.72
C VAL C 62 6.54 14.48 -35.82
N GLY C 63 5.36 15.09 -35.77
CA GLY C 63 5.00 16.08 -36.76
C GLY C 63 4.80 17.46 -36.13
N VAL C 64 4.86 18.49 -36.97
CA VAL C 64 4.67 19.86 -36.53
C VAL C 64 3.88 20.53 -37.63
N LEU C 65 2.72 21.08 -37.30
CA LEU C 65 1.90 21.77 -38.28
C LEU C 65 2.06 23.26 -37.99
N PHE C 66 3.00 23.91 -38.69
CA PHE C 66 3.27 25.32 -38.46
C PHE C 66 2.12 26.27 -38.73
N ASN C 67 2.25 27.50 -38.23
CA ASN C 67 1.19 28.49 -38.37
C ASN C 67 1.01 29.01 -39.79
N ASP C 68 2.08 29.03 -40.57
CA ASP C 68 2.00 29.50 -41.96
C ASP C 68 1.22 28.51 -42.81
N SER C 69 1.00 27.32 -42.26
CA SER C 69 0.25 26.22 -42.90
C SER C 69 1.11 25.27 -43.71
N THR C 70 2.09 24.67 -43.05
CA THR C 70 2.96 23.72 -43.69
C THR C 70 3.30 22.65 -42.63
N ARG C 71 3.58 21.43 -43.06
CA ARG C 71 3.91 20.36 -42.14
C ARG C 71 5.40 20.01 -42.22
N LEU C 72 5.86 19.19 -41.30
CA LEU C 72 7.25 18.71 -41.28
C LEU C 72 7.30 17.51 -40.33
N ILE C 73 7.57 16.35 -40.90
CA ILE C 73 7.61 15.10 -40.16
C ILE C 73 9.01 14.53 -39.97
N LEU C 74 9.17 13.73 -38.94
CA LEU C 74 10.43 13.07 -38.66
C LEU C 74 10.04 11.60 -38.50
N TYR C 75 10.89 10.69 -38.95
CA TYR C 75 10.56 9.27 -38.84
C TYR C 75 11.26 8.60 -37.68
N ASN C 76 10.73 7.44 -37.28
CA ASN C 76 11.27 6.66 -36.18
C ASN C 76 12.80 6.54 -36.30
N ASP C 77 13.31 6.68 -37.52
CA ASP C 77 14.75 6.60 -37.75
C ASP C 77 15.50 7.84 -37.23
N GLY C 78 14.74 8.88 -36.92
CA GLY C 78 15.32 10.11 -36.40
C GLY C 78 16.26 10.78 -37.39
N ASP C 79 15.71 11.20 -38.52
CA ASP C 79 16.48 11.87 -39.56
C ASP C 79 15.66 12.05 -40.82
N SER C 80 14.94 11.01 -41.22
CA SER C 80 14.11 11.10 -42.42
C SER C 80 13.02 12.15 -42.20
N LEU C 81 13.12 13.26 -42.91
CA LEU C 81 12.12 14.32 -42.80
C LEU C 81 11.03 14.10 -43.81
N GLN C 82 10.21 15.11 -44.02
CA GLN C 82 9.11 15.03 -44.96
C GLN C 82 8.33 16.34 -44.90
N TYR C 83 8.87 17.37 -45.54
CA TYR C 83 8.24 18.69 -45.55
C TYR C 83 6.94 18.66 -46.36
N ILE C 84 6.09 19.66 -46.20
CA ILE C 84 4.82 19.70 -46.91
C ILE C 84 4.29 21.13 -47.02
N GLU C 85 4.49 21.76 -48.17
CA GLU C 85 4.02 23.12 -48.37
C GLU C 85 2.51 23.16 -48.09
N ARG C 86 1.94 24.36 -48.17
CA ARG C 86 0.51 24.54 -47.93
C ARG C 86 -0.29 23.91 -49.06
N ASP C 87 0.39 23.63 -50.17
CA ASP C 87 -0.24 23.07 -51.36
C ASP C 87 0.15 21.60 -51.59
N GLY C 88 0.13 20.80 -50.53
CA GLY C 88 0.45 19.39 -50.65
C GLY C 88 1.86 19.02 -51.13
N THR C 89 2.47 19.87 -51.94
CA THR C 89 3.80 19.60 -52.47
C THR C 89 4.77 19.06 -51.42
N GLU C 90 4.87 17.74 -51.36
CA GLU C 90 5.75 17.10 -50.40
C GLU C 90 7.23 17.38 -50.61
N SER C 91 8.06 16.47 -50.12
CA SER C 91 9.51 16.59 -50.20
C SER C 91 10.02 15.58 -49.18
N TYR C 92 11.29 15.23 -49.27
CA TYR C 92 11.87 14.26 -48.33
C TYR C 92 13.34 14.59 -48.09
N LEU C 93 13.79 14.49 -46.84
CA LEU C 93 15.18 14.83 -46.53
C LEU C 93 15.76 14.09 -45.34
N THR C 94 16.74 14.74 -44.73
CA THR C 94 17.45 14.21 -43.56
C THR C 94 17.83 15.36 -42.61
N ASN C 100 17.85 22.15 -46.58
CA ASN C 100 18.59 23.08 -45.74
C ASN C 100 17.84 24.41 -45.61
N SER C 101 16.73 24.54 -46.33
CA SER C 101 15.92 25.75 -46.26
C SER C 101 14.90 25.53 -45.14
N LEU C 102 15.01 24.38 -44.50
CA LEU C 102 14.12 24.00 -43.40
C LEU C 102 14.85 24.06 -42.07
N MET C 103 16.12 24.47 -42.11
CA MET C 103 16.93 24.55 -40.89
C MET C 103 16.15 25.12 -39.71
N LYS C 104 15.60 26.31 -39.90
CA LYS C 104 14.81 26.96 -38.86
C LYS C 104 13.69 26.05 -38.37
N LYS C 105 12.97 25.41 -39.29
CA LYS C 105 11.86 24.52 -38.92
C LYS C 105 12.30 23.17 -38.35
N ILE C 106 13.54 22.79 -38.61
CA ILE C 106 14.06 21.54 -38.11
C ILE C 106 14.55 21.73 -36.68
N THR C 107 14.78 22.98 -36.30
CA THR C 107 15.23 23.31 -34.96
C THR C 107 14.00 23.27 -34.05
N LEU C 108 12.90 23.81 -34.56
CA LEU C 108 11.64 23.86 -33.84
C LEU C 108 11.04 22.47 -33.64
N LEU C 109 11.14 21.62 -34.65
CA LEU C 109 10.57 20.30 -34.50
C LEU C 109 11.42 19.59 -33.45
N LYS C 110 12.70 19.92 -33.43
CA LYS C 110 13.58 19.30 -32.45
C LYS C 110 13.17 19.82 -31.06
N TYR C 111 12.68 21.05 -31.00
CA TYR C 111 12.24 21.64 -29.74
C TYR C 111 10.97 20.97 -29.23
N PHE C 112 10.04 20.71 -30.14
CA PHE C 112 8.78 20.09 -29.77
C PHE C 112 9.04 18.64 -29.40
N ARG C 113 10.02 18.06 -30.07
CA ARG C 113 10.39 16.66 -29.88
C ARG C 113 10.90 16.40 -28.48
N ASN C 114 11.97 17.09 -28.08
CA ASN C 114 12.54 16.92 -26.75
C ASN C 114 11.56 17.40 -25.66
N TYR C 115 10.61 18.24 -26.05
CA TYR C 115 9.62 18.72 -25.10
C TYR C 115 8.70 17.55 -24.72
N MET C 116 8.03 17.00 -25.72
CA MET C 116 7.10 15.88 -25.51
C MET C 116 7.84 14.70 -24.88
N SER C 117 9.11 14.54 -25.23
CA SER C 117 9.91 13.45 -24.70
C SER C 117 10.29 13.62 -23.24
N GLU C 118 10.54 14.85 -22.83
CA GLU C 118 10.95 15.09 -21.46
C GLU C 118 9.83 15.34 -20.48
N HIS C 119 8.62 15.62 -20.99
CA HIS C 119 7.51 15.95 -20.10
C HIS C 119 6.16 15.26 -20.29
N LEU C 120 5.82 14.83 -21.51
CA LEU C 120 4.49 14.28 -21.73
C LEU C 120 4.22 12.79 -21.69
N LEU C 121 2.95 12.48 -21.39
CA LEU C 121 2.45 11.12 -21.29
C LEU C 121 1.94 10.73 -22.67
N LYS C 122 2.08 9.44 -22.98
CA LYS C 122 1.69 8.88 -24.26
C LYS C 122 0.28 8.31 -24.20
N ALA C 123 -0.66 8.95 -24.88
CA ALA C 123 -2.05 8.47 -24.88
C ALA C 123 -2.14 7.14 -25.64
N GLY C 124 -2.94 6.22 -25.11
CA GLY C 124 -3.08 4.90 -25.72
C GLY C 124 -1.81 4.07 -25.70
N ALA C 125 -0.84 4.46 -24.87
CA ALA C 125 0.46 3.76 -24.77
C ALA C 125 0.42 2.24 -24.57
N ASN C 126 -0.75 1.71 -24.24
CA ASN C 126 -0.86 0.27 -24.03
C ASN C 126 -1.64 -0.33 -25.19
N ILE C 127 -2.28 0.53 -25.99
CA ILE C 127 -3.03 0.06 -27.14
C ILE C 127 -2.00 -0.49 -28.14
N THR C 128 -2.50 -1.26 -29.10
CA THR C 128 -1.70 -1.83 -30.16
C THR C 128 -2.42 -1.52 -31.47
N PRO C 129 -1.82 -0.67 -32.32
CA PRO C 129 -2.45 -0.30 -33.60
C PRO C 129 -2.69 -1.48 -34.52
N ARG C 130 -3.54 -1.27 -35.54
CA ARG C 130 -3.87 -2.30 -36.51
C ARG C 130 -2.78 -2.40 -37.58
N GLU C 131 -3.01 -3.22 -38.60
CA GLU C 131 -2.04 -3.39 -39.69
C GLU C 131 -2.52 -2.69 -40.96
N LEU C 138 1.77 6.95 -43.30
CA LEU C 138 1.94 7.80 -42.12
C LEU C 138 1.37 9.19 -42.41
N PRO C 139 0.21 9.54 -41.82
CA PRO C 139 -0.47 10.82 -42.00
C PRO C 139 0.10 12.01 -41.23
N TYR C 140 -0.29 13.19 -41.66
CA TYR C 140 0.13 14.44 -41.03
C TYR C 140 -1.17 15.07 -40.52
N LEU C 141 -1.07 16.15 -39.75
CA LEU C 141 -2.27 16.80 -39.23
C LEU C 141 -2.93 17.71 -40.25
N ARG C 142 -4.09 17.29 -40.73
CA ARG C 142 -4.82 18.08 -41.71
C ARG C 142 -5.03 19.44 -41.07
N THR C 143 -5.64 19.45 -39.89
CA THR C 143 -5.92 20.68 -39.18
C THR C 143 -6.36 20.37 -37.74
N TRP C 144 -6.50 21.41 -36.92
CA TRP C 144 -6.92 21.25 -35.54
C TRP C 144 -7.55 22.53 -35.01
N PHE C 145 -8.32 22.40 -33.93
CA PHE C 145 -8.95 23.53 -33.28
C PHE C 145 -9.53 23.09 -31.95
N ARG C 146 -9.36 23.90 -30.91
CA ARG C 146 -9.85 23.55 -29.58
C ARG C 146 -11.05 24.36 -29.11
N THR C 147 -11.79 23.80 -28.16
CA THR C 147 -12.96 24.45 -27.60
C THR C 147 -12.67 24.71 -26.13
N ARG C 148 -13.71 25.10 -25.39
CA ARG C 148 -13.54 25.35 -23.97
C ARG C 148 -13.52 24.01 -23.24
N SER C 149 -13.71 22.91 -23.97
CA SER C 149 -13.74 21.61 -23.31
C SER C 149 -13.02 20.47 -24.03
N ALA C 150 -12.44 20.75 -25.19
CA ALA C 150 -11.72 19.70 -25.89
C ALA C 150 -10.92 20.22 -27.07
N ILE C 151 -10.01 19.39 -27.55
CA ILE C 151 -9.19 19.71 -28.71
C ILE C 151 -9.60 18.73 -29.81
N ILE C 152 -9.87 19.27 -31.00
CA ILE C 152 -10.29 18.47 -32.14
C ILE C 152 -9.17 18.34 -33.18
N LEU C 153 -8.65 17.12 -33.32
CA LEU C 153 -7.58 16.84 -34.27
C LEU C 153 -8.09 16.15 -35.54
N HIS C 154 -7.62 16.62 -36.70
CA HIS C 154 -8.02 16.06 -37.99
C HIS C 154 -6.80 15.56 -38.74
N LEU C 155 -6.62 14.23 -38.78
CA LEU C 155 -5.49 13.66 -39.49
C LEU C 155 -5.73 13.61 -41.00
N SER C 156 -4.64 13.56 -41.77
CA SER C 156 -4.72 13.52 -43.23
C SER C 156 -5.45 12.29 -43.75
N ASN C 157 -5.33 11.17 -43.04
CA ASN C 157 -6.00 9.93 -43.44
C ASN C 157 -7.47 9.87 -43.02
N GLY C 158 -8.11 11.04 -42.88
CA GLY C 158 -9.51 11.09 -42.50
C GLY C 158 -9.87 10.85 -41.04
N SER C 159 -8.89 10.44 -40.24
CA SER C 159 -9.13 10.19 -38.83
C SER C 159 -9.36 11.53 -38.11
N VAL C 160 -10.21 11.51 -37.08
CA VAL C 160 -10.49 12.70 -36.28
C VAL C 160 -10.41 12.32 -34.80
N GLN C 161 -9.44 12.91 -34.10
CA GLN C 161 -9.27 12.62 -32.67
C GLN C 161 -9.80 13.77 -31.81
N ILE C 162 -10.66 13.43 -30.86
CA ILE C 162 -11.25 14.40 -29.96
C ILE C 162 -10.85 14.09 -28.52
N ASN C 163 -10.12 15.00 -27.89
CA ASN C 163 -9.71 14.81 -26.51
C ASN C 163 -10.33 15.82 -25.57
N PHE C 164 -11.05 15.32 -24.59
CA PHE C 164 -11.69 16.19 -23.60
C PHE C 164 -10.65 16.49 -22.50
N PHE C 165 -10.57 17.75 -22.12
CA PHE C 165 -9.61 18.22 -21.10
C PHE C 165 -9.75 17.60 -19.70
N GLN C 166 -10.88 17.86 -19.04
CA GLN C 166 -11.13 17.35 -17.70
C GLN C 166 -11.04 15.84 -17.49
N ASP C 167 -12.03 15.09 -17.97
CA ASP C 167 -12.03 13.64 -17.76
C ASP C 167 -10.91 12.85 -18.41
N HIS C 168 -10.31 13.39 -19.47
CA HIS C 168 -9.21 12.72 -20.18
C HIS C 168 -9.68 11.55 -21.03
N THR C 169 -10.92 11.65 -21.51
CA THR C 169 -11.52 10.63 -22.36
C THR C 169 -11.27 11.09 -23.79
N LYS C 170 -11.00 10.16 -24.68
CA LYS C 170 -10.72 10.52 -26.07
C LYS C 170 -11.51 9.71 -27.07
N LEU C 171 -11.75 10.34 -28.22
CA LEU C 171 -12.48 9.73 -29.32
C LEU C 171 -11.59 9.70 -30.56
N ILE C 172 -11.73 8.64 -31.34
CA ILE C 172 -10.99 8.48 -32.58
C ILE C 172 -11.99 8.04 -33.64
N LEU C 173 -12.51 9.00 -34.38
CA LEU C 173 -13.49 8.73 -35.42
C LEU C 173 -12.80 8.43 -36.76
N CYS C 174 -13.09 7.27 -37.31
CA CYS C 174 -12.52 6.83 -38.59
C CYS C 174 -13.60 6.34 -39.54
N PRO C 175 -13.76 7.02 -40.68
CA PRO C 175 -14.78 6.63 -41.67
C PRO C 175 -14.38 5.43 -42.56
N LEU C 176 -13.65 4.48 -41.98
CA LEU C 176 -13.20 3.29 -42.71
C LEU C 176 -13.45 2.03 -41.88
N VAL C 180 -15.01 4.02 -34.67
CA VAL C 180 -15.04 4.92 -33.53
C VAL C 180 -14.46 4.29 -32.26
N THR C 181 -13.25 4.70 -31.87
CA THR C 181 -12.62 4.19 -30.66
C THR C 181 -12.80 5.21 -29.54
N TYR C 182 -13.06 4.72 -28.33
CA TYR C 182 -13.29 5.58 -27.18
C TYR C 182 -12.45 5.16 -26.00
N ILE C 183 -11.81 6.12 -25.36
CA ILE C 183 -10.98 5.85 -24.21
C ILE C 183 -11.70 6.30 -22.94
N ASP C 184 -11.89 5.35 -22.02
CA ASP C 184 -12.57 5.57 -20.75
C ASP C 184 -11.74 6.46 -19.81
N GLU C 185 -12.07 6.44 -18.53
CA GLU C 185 -11.38 7.23 -17.51
C GLU C 185 -10.16 6.45 -17.04
N LYS C 186 -10.30 5.13 -17.05
CA LYS C 186 -9.24 4.24 -16.62
C LYS C 186 -8.28 3.94 -17.76
N ARG C 187 -8.53 4.57 -18.90
CA ARG C 187 -7.70 4.37 -20.08
C ARG C 187 -7.97 2.97 -20.67
N ASP C 188 -9.02 2.86 -21.49
CA ASP C 188 -9.36 1.56 -22.09
C ASP C 188 -9.64 1.66 -23.59
N PHE C 189 -9.20 0.65 -24.34
CA PHE C 189 -9.38 0.64 -25.79
C PHE C 189 -10.87 0.63 -26.10
N ARG C 190 -11.36 -0.53 -26.52
CA ARG C 190 -12.77 -0.68 -26.87
C ARG C 190 -13.13 0.12 -28.11
N THR C 191 -13.06 -0.53 -29.27
CA THR C 191 -13.38 0.09 -30.55
C THR C 191 -14.74 -0.44 -31.01
N TYR C 192 -15.68 0.48 -31.25
CA TYR C 192 -17.02 0.10 -31.66
C TYR C 192 -17.33 0.30 -33.15
N ARG C 193 -18.14 -0.60 -33.69
CA ARG C 193 -18.52 -0.53 -35.10
C ARG C 193 -19.46 0.65 -35.31
N LEU C 194 -19.12 1.49 -36.28
CA LEU C 194 -19.89 2.69 -36.62
C LEU C 194 -21.37 2.44 -36.39
N SER C 195 -21.83 1.24 -36.73
CA SER C 195 -23.22 0.86 -36.54
C SER C 195 -23.38 0.21 -35.17
N LEU C 196 -24.34 0.71 -34.40
CA LEU C 196 -24.60 0.21 -33.06
C LEU C 196 -25.19 -1.21 -33.05
N LEU C 197 -26.17 -1.42 -32.19
CA LEU C 197 -26.83 -2.72 -32.07
C LEU C 197 -28.15 -2.51 -31.33
N CYS C 203 -22.51 3.90 -21.93
CA CYS C 203 -23.29 4.28 -23.11
C CYS C 203 -23.80 5.72 -22.96
N LYS C 204 -24.12 6.12 -21.74
CA LYS C 204 -24.59 7.48 -21.47
C LYS C 204 -23.57 8.45 -22.06
N GLU C 205 -22.39 8.44 -21.43
CA GLU C 205 -21.28 9.31 -21.83
C GLU C 205 -20.84 9.07 -23.27
N LEU C 206 -20.67 7.80 -23.62
CA LEU C 206 -20.23 7.41 -24.95
C LEU C 206 -21.20 7.84 -26.06
N ALA C 207 -22.40 8.24 -25.66
CA ALA C 207 -23.42 8.70 -26.60
C ALA C 207 -23.37 10.22 -26.62
N SER C 208 -23.29 10.80 -25.43
CA SER C 208 -23.20 12.24 -25.27
C SER C 208 -22.01 12.71 -26.10
N ARG C 209 -20.95 11.92 -26.06
CA ARG C 209 -19.73 12.19 -26.79
C ARG C 209 -19.94 12.24 -28.30
N LEU C 210 -20.91 11.49 -28.81
CA LEU C 210 -21.19 11.46 -30.23
C LEU C 210 -21.85 12.74 -30.72
N ARG C 211 -22.92 13.16 -30.04
CA ARG C 211 -23.60 14.40 -30.41
C ARG C 211 -22.60 15.55 -30.41
N TYR C 212 -21.65 15.51 -29.48
CA TYR C 212 -20.63 16.55 -29.41
C TYR C 212 -19.75 16.35 -30.64
N ALA C 213 -19.30 15.12 -30.83
CA ALA C 213 -18.44 14.79 -31.96
C ALA C 213 -19.14 15.23 -33.25
N ARG C 214 -20.47 15.11 -33.26
CA ARG C 214 -21.21 15.51 -34.43
C ARG C 214 -20.99 16.99 -34.71
N THR C 215 -21.40 17.83 -33.76
CA THR C 215 -21.26 19.29 -33.87
C THR C 215 -19.82 19.71 -34.13
N MET C 216 -18.88 18.86 -33.76
CA MET C 216 -17.47 19.16 -33.97
C MET C 216 -17.12 18.97 -35.44
N VAL C 217 -17.66 17.92 -36.02
CA VAL C 217 -17.41 17.62 -37.43
C VAL C 217 -18.07 18.70 -38.28
N ASP C 218 -19.17 19.26 -37.77
CA ASP C 218 -19.87 20.32 -38.47
C ASP C 218 -19.02 21.58 -38.52
N LYS C 219 -18.53 22.01 -37.35
CA LYS C 219 -17.68 23.19 -37.28
C LYS C 219 -16.45 22.92 -38.12
N LEU C 220 -15.92 21.71 -38.03
CA LEU C 220 -14.73 21.32 -38.78
C LEU C 220 -15.08 21.34 -40.27
N LEU C 221 -16.28 20.88 -40.58
CA LEU C 221 -16.76 20.83 -41.95
C LEU C 221 -17.22 22.20 -42.47
N SER C 222 -17.95 22.92 -41.62
CA SER C 222 -18.46 24.25 -41.98
C SER C 222 -17.33 25.26 -42.05
N SER C 223 -16.10 24.77 -42.01
CA SER C 223 -14.92 25.62 -42.06
C SER C 223 -13.74 24.85 -42.67
N 11Q D 1 18.32 15.87 -2.57
CA 11Q D 1 19.24 15.78 -1.40
C 11Q D 1 19.70 14.38 -1.02
CB 11Q D 1 18.50 16.49 -0.26
O 11Q D 1 18.94 13.33 -1.58
CX 11Q D 1 18.85 16.02 -3.93
C1 11Q D 1 19.94 15.02 -4.28
C6 11Q D 1 21.29 15.52 -3.79
C5 11Q D 1 22.42 14.57 -4.15
C4 11Q D 1 22.49 14.32 -5.65
C3 11Q D 1 21.15 13.81 -6.17
C2 11Q D 1 20.02 14.76 -5.79
CD 11Q D 1 17.16 16.71 -2.25
CG 11Q D 1 17.07 16.66 -0.73
N LEU D 2 20.72 13.97 -0.29
CA LEU D 2 21.07 12.56 -0.20
C LEU D 2 20.32 11.84 0.91
N HIS D 3 19.68 12.61 1.77
CA HIS D 3 18.93 12.05 2.88
C HIS D 3 17.82 13.02 3.22
N SER D 4 16.89 12.58 4.06
CA SER D 4 15.78 13.43 4.46
C SER D 4 16.29 14.47 5.48
N TPO D 5 15.37 15.21 6.11
CA TPO D 5 15.63 16.50 6.71
CB TPO D 5 14.32 17.29 7.06
CG2 TPO D 5 14.59 18.59 7.80
OG1 TPO D 5 13.62 17.51 5.81
P TPO D 5 12.19 16.88 5.39
O1P TPO D 5 11.08 17.18 6.37
O2P TPO D 5 12.49 15.38 5.30
O3P TPO D 5 11.96 17.37 3.95
C TPO D 5 16.42 16.22 8.00
O TPO D 5 16.08 15.38 8.78
N MET D 6 17.50 16.96 8.19
CA MET D 6 18.22 16.78 9.45
C MET D 6 17.47 17.39 10.61
N NH2 D 7 16.87 16.56 11.45
N 11Q E 1 7.61 -9.63 15.44
CA 11Q E 1 8.24 -10.16 16.68
C 11Q E 1 8.54 -11.66 16.74
CB 11Q E 1 7.30 -9.70 17.81
O 11Q E 1 7.62 -12.48 16.03
CX 11Q E 1 8.41 -9.67 14.21
C1 11Q E 1 7.78 -10.46 13.09
C6 11Q E 1 8.76 -10.72 11.95
C5 11Q E 1 8.11 -11.51 10.81
C4 11Q E 1 6.87 -10.81 10.29
C3 11Q E 1 5.89 -10.55 11.41
C2 11Q E 1 6.54 -9.77 12.55
CD 11Q E 1 6.96 -8.36 15.78
CG 11Q E 1 6.46 -8.55 17.20
N LEU E 2 9.68 -12.01 16.14
CA LEU E 2 9.99 -13.40 15.85
C LEU E 2 10.12 -14.26 17.11
N HIS E 3 10.09 -13.61 18.28
CA HIS E 3 10.19 -14.33 19.53
C HIS E 3 9.71 -13.41 20.64
N SER E 4 9.33 -13.99 21.77
CA SER E 4 8.90 -13.21 22.93
C SER E 4 10.08 -12.37 23.44
N TPO E 5 9.86 -11.57 24.49
CA TPO E 5 10.79 -10.60 25.09
CB TPO E 5 10.17 -9.92 26.32
CG2 TPO E 5 10.95 -8.69 26.76
OG1 TPO E 5 8.88 -9.55 25.80
P TPO E 5 7.42 -9.84 26.35
O1P TPO E 5 7.29 -9.64 27.86
O2P TPO E 5 7.10 -11.23 25.79
O3P TPO E 5 6.61 -8.81 25.55
C TPO E 5 12.13 -11.27 25.56
O TPO E 5 12.11 -12.21 26.36
N MET E 6 13.25 -10.77 25.07
CA MET E 6 14.69 -10.97 25.27
C MET E 6 15.25 -10.35 26.53
N NH2 E 7 15.94 -11.16 27.33
N 11Q F 1 3.96 27.25 -23.81
CA 11Q F 1 3.16 26.28 -24.60
C 11Q F 1 2.32 25.36 -23.72
CB 11Q F 1 4.24 25.52 -25.37
O 11Q F 1 3.12 24.90 -22.62
CD 11Q F 1 5.37 26.83 -23.67
CG 11Q F 1 5.45 25.52 -24.43
N LEU F 2 1.02 25.68 -23.83
CA LEU F 2 -0.05 24.69 -23.76
C LEU F 2 0.37 23.32 -24.26
N HIS F 3 -0.38 22.30 -23.90
CA HIS F 3 -0.02 20.96 -24.32
C HIS F 3 -0.89 19.86 -23.72
N SER F 4 -0.56 18.62 -24.10
CA SER F 4 -1.24 17.43 -23.62
C SER F 4 -0.67 17.07 -22.24
N TPO F 5 -1.17 15.99 -21.63
CA TPO F 5 -1.10 15.42 -20.33
CB TPO F 5 -1.92 14.13 -20.14
CG2 TPO F 5 -1.69 13.60 -18.74
OG1 TPO F 5 -3.30 14.53 -20.40
P TPO F 5 -4.23 13.87 -21.58
O1P TPO F 5 -4.23 12.31 -21.41
O2P TPO F 5 -3.60 14.37 -22.94
O3P TPO F 5 -5.58 14.57 -21.49
C TPO F 5 0.33 15.12 -20.04
O TPO F 5 0.96 14.32 -20.68
N MET F 6 0.88 15.80 -19.03
CA MET F 6 2.14 15.52 -18.38
C MET F 6 2.11 14.22 -17.62
N NH2 F 7 3.27 13.76 -17.17
S CXS G . 16.11 7.05 -9.09
O1 CXS G . 15.85 6.63 -10.45
O2 CXS G . 17.48 7.49 -8.88
O3 CXS G . 15.14 8.02 -8.65
C1 CXS G . 15.90 5.67 -8.12
C2 CXS G . 15.33 4.56 -8.98
C3 CXS G . 15.15 3.28 -8.22
N CXS G . 16.26 2.44 -7.75
C4 CXS G . 15.82 1.05 -7.44
C5 CXS G . 14.60 0.62 -8.24
C6 CXS G . 13.92 -0.61 -7.62
C7 CXS G . 14.90 -1.75 -7.45
C8 CXS G . 16.12 -1.33 -6.66
C9 CXS G . 16.79 -0.11 -7.29
S CXS H . 18.08 11.26 -11.73
O1 CXS H . 17.86 12.51 -12.43
O2 CXS H . 18.90 10.34 -12.50
O3 CXS H . 18.59 11.45 -10.38
C1 CXS H . 16.52 10.52 -11.56
C2 CXS H . 15.67 10.84 -12.78
C3 CXS H . 14.24 10.34 -12.62
N CXS H . 14.13 8.93 -12.28
C4 CXS H . 12.73 8.44 -12.30
C5 CXS H . 12.26 8.94 -13.65
C6 CXS H . 10.79 8.63 -13.86
C7 CXS H . 10.51 7.14 -13.72
C8 CXS H . 11.00 6.61 -12.39
C9 CXS H . 12.47 6.94 -12.18
P PO4 I . -5.43 15.23 -13.51
O1 PO4 I . -6.90 15.38 -13.48
O2 PO4 I . -5.01 14.64 -14.81
O3 PO4 I . -4.78 16.58 -13.36
O4 PO4 I . -4.98 14.35 -12.41
S CXS J . -0.09 -16.62 11.16
O1 CXS J . -0.61 -15.89 12.31
O2 CXS J . -1.10 -16.89 10.15
O3 CXS J . 1.10 -15.98 10.60
C1 CXS J . 0.45 -18.16 11.75
C2 CXS J . -0.68 -19.17 11.84
C3 CXS J . -0.12 -20.56 12.06
N CXS J . -1.05 -21.64 11.72
C4 CXS J . -0.77 -23.00 12.23
C5 CXS J . -2.10 -23.59 12.66
C6 CXS J . -1.95 -25.03 13.12
C7 CXS J . -1.31 -25.90 12.05
C8 CXS J . 0.03 -25.32 11.61
C9 CXS J . -0.13 -23.87 11.15
S CXS K . -25.58 17.07 -23.91
O1 CXS K . -25.19 17.58 -25.22
O2 CXS K . -26.89 17.53 -23.48
O3 CXS K . -25.46 15.62 -23.84
C1 CXS K . -24.43 17.69 -22.78
C2 CXS K . -23.05 17.84 -23.40
C3 CXS K . -22.06 18.52 -22.48
N CXS K . -20.73 18.71 -23.09
C4 CXS K . -19.64 17.93 -22.46
C5 CXS K . -19.36 16.54 -23.02
C6 CXS K . -18.52 15.71 -22.05
C7 CXS K . -17.23 16.42 -21.70
C8 CXS K . -17.50 17.80 -21.16
C9 CXS K . -18.34 18.63 -22.12
S CXS L . -7.75 27.43 -31.87
O1 CXS L . -6.90 26.28 -31.62
O2 CXS L . -9.16 27.10 -31.94
O3 CXS L . -7.49 28.53 -30.93
C1 CXS L . -7.31 28.04 -33.40
C2 CXS L . -6.71 26.94 -34.25
C3 CXS L . -6.41 27.47 -35.64
N CXS L . -5.81 26.41 -36.44
C4 CXS L . -5.58 26.72 -37.86
C5 CXS L . -4.11 27.03 -37.73
C6 CXS L . -3.36 26.76 -39.03
C7 CXS L . -3.57 25.33 -39.49
C8 CXS L . -5.05 25.03 -39.65
C9 CXS L . -5.81 25.30 -38.35
#